data_6PTM
#
_entry.id   6PTM
#
_cell.length_a   60.240
_cell.length_b   109.690
_cell.length_c   126.090
_cell.angle_alpha   90.000
_cell.angle_beta   90.000
_cell.angle_gamma   90.000
#
_symmetry.space_group_name_H-M   'P 21 21 21'
#
loop_
_entity.id
_entity.type
_entity.pdbx_description
1 polymer 'Uncharacterized protein'
2 non-polymer 1,2-ETHANEDIOL
3 water water
#
_entity_poly.entity_id   1
_entity_poly.type   'polypeptide(L)'
_entity_poly.pdbx_seq_one_letter_code
;MGSSHHHHHHSSGLVPRGSHMASGINYLYNNVYSESFLSNSNKEEEASGKINELRKLIAKAKKSGINTLKEETALRTAEI
FMGYAKWDENNIDANVKNFSLVKKYKNESEKYAKLLPDFERQEIIEMMNSSISELEAVMRGELKRLPTPVVDWTKVKVDK
DMLVYEGKPVFLADWTWKPRIKEYIEYHGNLDGFFMTNANVINNKGDISPKVINELQEKEDGSIGFVFLNHSNFPKWAEK
KDPTVKDGPGIKYTMYDINHPLARQVNSDLIKGTVPYMAGKQYTGLGYMLCNEPHWNCIEKTWASAPISEYAYEEFRKWL
KNKHGNIDRLNELWSTSYKDFSSVDGPRIMQASMQGSPMYFDFMAFNMDRVTEWFSFLKNEIRKYDPQAKTHIKIMPNLW
SDNKRDSGIDLEALTRNSEIIGNDASSCGAWMWGKPKSWEKNYAFDWVEICMAYDFMKSVSPDKVMFNTEGHMLSTGKYR
DLYQTKEYARGNYWLATIHGLTATQTWYWCRREDGSSRGHSDSNGYAASNNHQPRIVNEVHATMIDLNSVSDYIMSFQRQ
RKPLRIFYTKASSINKAEHMNDVLRIYEKLNFSGLPIGFATEGILKNNPHEWDAIVVYKTPYAFKSDIETVQKYLDECGT
VIIDNESFKTDEYGRKIDLTLKQGKGKLIVVSTLNEMKNEALAAVKSNKGMPMISIAETNDRNMPGCEWRVIAKDKNKYI
VNIVNIGKSDATVSMSAAKGNIKSVSEVLTGLKSATKIVLKPNDVQLLEVSLE
;
_entity_poly.pdbx_strand_id   A
#
loop_
_chem_comp.id
_chem_comp.type
_chem_comp.name
_chem_comp.formula
EDO non-polymer 1,2-ETHANEDIOL 'C2 H6 O2'
#
# COMPACT_ATOMS: atom_id res chain seq x y z
N LYS A 43 -25.85 -20.36 -21.58
CA LYS A 43 -25.07 -20.35 -20.30
C LYS A 43 -25.89 -19.71 -19.18
N GLU A 44 -26.93 -18.95 -19.54
CA GLU A 44 -27.88 -18.35 -18.59
C GLU A 44 -28.61 -19.45 -17.80
N GLU A 45 -29.26 -20.37 -18.52
CA GLU A 45 -29.99 -21.50 -17.90
C GLU A 45 -29.00 -22.34 -17.07
N GLU A 46 -27.84 -22.66 -17.62
CA GLU A 46 -26.82 -23.52 -16.95
C GLU A 46 -26.36 -22.82 -15.66
N ALA A 47 -26.05 -21.52 -15.72
CA ALA A 47 -25.60 -20.75 -14.55
C ALA A 47 -26.70 -20.73 -13.49
N SER A 48 -27.97 -20.43 -13.83
CA SER A 48 -29.10 -20.39 -12.87
C SER A 48 -29.22 -21.75 -12.18
N GLY A 49 -29.09 -22.85 -12.93
CA GLY A 49 -29.07 -24.23 -12.41
C GLY A 49 -28.02 -24.44 -11.31
N LYS A 50 -26.75 -24.12 -11.57
CA LYS A 50 -25.63 -24.25 -10.58
C LYS A 50 -25.87 -23.38 -9.35
N ILE A 51 -26.40 -22.17 -9.57
CA ILE A 51 -26.71 -21.24 -8.45
C ILE A 51 -27.75 -21.89 -7.54
N ASN A 52 -28.84 -22.39 -8.12
CA ASN A 52 -29.91 -23.06 -7.31
C ASN A 52 -29.28 -24.25 -6.58
N GLU A 53 -28.36 -24.97 -7.20
CA GLU A 53 -27.75 -26.18 -6.59
C GLU A 53 -26.93 -25.74 -5.38
N LEU A 54 -26.06 -24.74 -5.54
CA LEU A 54 -25.25 -24.21 -4.40
C LEU A 54 -26.17 -23.69 -3.30
N ARG A 55 -27.27 -23.00 -3.64
CA ARG A 55 -28.20 -22.43 -2.63
C ARG A 55 -28.81 -23.56 -1.77
N LYS A 56 -29.19 -24.70 -2.36
CA LYS A 56 -29.73 -25.82 -1.55
C LYS A 56 -28.59 -26.46 -0.74
N LEU A 57 -27.39 -26.60 -1.29
CA LEU A 57 -26.26 -27.26 -0.58
C LEU A 57 -25.91 -26.41 0.65
N ILE A 58 -25.95 -25.09 0.50
CA ILE A 58 -25.72 -24.17 1.64
C ILE A 58 -26.75 -24.44 2.74
N ALA A 59 -28.03 -24.54 2.40
CA ALA A 59 -29.10 -24.77 3.42
C ALA A 59 -28.80 -26.09 4.13
N LYS A 60 -28.45 -27.14 3.38
CA LYS A 60 -28.11 -28.47 3.96
C LYS A 60 -26.87 -28.36 4.87
N ALA A 61 -25.74 -27.81 4.40
CA ALA A 61 -24.52 -27.64 5.26
C ALA A 61 -24.83 -26.86 6.55
N LYS A 62 -25.57 -25.76 6.46
CA LYS A 62 -26.02 -24.94 7.62
C LYS A 62 -26.71 -25.79 8.69
N LYS A 63 -27.61 -26.69 8.26
CA LYS A 63 -28.33 -27.64 9.17
C LYS A 63 -27.27 -28.41 9.97
N SER A 64 -26.13 -28.77 9.40
CA SER A 64 -25.08 -29.56 10.08
C SER A 64 -24.17 -28.69 10.95
N GLY A 65 -24.44 -27.39 11.07
CA GLY A 65 -23.61 -26.42 11.81
C GLY A 65 -22.35 -25.98 11.07
N ILE A 66 -22.21 -26.23 9.77
CA ILE A 66 -21.04 -25.74 9.00
C ILE A 66 -21.18 -24.22 8.79
N ASN A 67 -20.12 -23.45 9.01
CA ASN A 67 -20.04 -22.02 8.66
C ASN A 67 -19.96 -21.89 7.13
N THR A 68 -21.06 -21.50 6.47
CA THR A 68 -21.15 -21.42 4.99
C THR A 68 -20.89 -19.99 4.51
N LEU A 69 -20.23 -19.14 5.30
CA LEU A 69 -19.96 -17.73 4.89
C LEU A 69 -19.32 -17.71 3.49
N LYS A 70 -18.34 -18.56 3.23
CA LYS A 70 -17.56 -18.51 1.97
C LYS A 70 -18.52 -18.75 0.80
N GLU A 71 -19.32 -19.81 0.85
CA GLU A 71 -20.25 -20.21 -0.24
C GLU A 71 -21.37 -19.18 -0.37
N GLU A 72 -21.87 -18.64 0.75
CA GLU A 72 -22.88 -17.55 0.68
C GLU A 72 -22.33 -16.32 -0.02
N THR A 73 -21.05 -16.03 0.19
CA THR A 73 -20.37 -14.88 -0.48
C THR A 73 -20.33 -15.16 -1.97
N ALA A 74 -19.91 -16.37 -2.37
CA ALA A 74 -19.86 -16.79 -3.79
C ALA A 74 -21.28 -16.75 -4.41
N LEU A 75 -22.27 -17.31 -3.70
CA LEU A 75 -23.69 -17.34 -4.16
C LEU A 75 -24.14 -15.89 -4.40
N ARG A 76 -23.92 -14.99 -3.45
CA ARG A 76 -24.34 -13.59 -3.60
C ARG A 76 -23.63 -12.95 -4.79
N THR A 77 -22.33 -13.22 -4.94
CA THR A 77 -21.60 -12.69 -6.09
C THR A 77 -22.29 -13.14 -7.38
N ALA A 78 -22.66 -14.40 -7.43
CA ALA A 78 -23.26 -15.02 -8.62
C ALA A 78 -24.60 -14.35 -8.88
N GLU A 79 -25.43 -14.20 -7.84
CA GLU A 79 -26.77 -13.55 -7.96
C GLU A 79 -26.59 -12.15 -8.53
N ILE A 80 -25.58 -11.41 -8.06
CA ILE A 80 -25.36 -10.00 -8.52
C ILE A 80 -24.95 -10.02 -10.00
N PHE A 81 -24.02 -10.89 -10.37
CA PHE A 81 -23.41 -10.83 -11.72
C PHE A 81 -24.35 -11.46 -12.73
N MET A 82 -25.34 -12.24 -12.31
CA MET A 82 -26.36 -12.72 -13.27
C MET A 82 -27.10 -11.47 -13.75
N GLY A 83 -27.45 -10.55 -12.83
CA GLY A 83 -28.15 -9.32 -13.22
C GLY A 83 -27.25 -8.43 -14.05
N TYR A 84 -25.95 -8.39 -13.73
CA TYR A 84 -25.01 -7.57 -14.51
C TYR A 84 -24.88 -8.14 -15.93
N ALA A 85 -24.79 -9.47 -16.06
CA ALA A 85 -24.69 -10.15 -17.37
C ALA A 85 -25.96 -9.87 -18.18
N LYS A 86 -27.12 -9.87 -17.54
CA LYS A 86 -28.42 -9.57 -18.21
C LYS A 86 -28.38 -8.12 -18.71
N TRP A 87 -27.95 -7.18 -17.88
CA TRP A 87 -27.69 -5.79 -18.36
C TRP A 87 -26.74 -5.84 -19.55
N ASP A 88 -25.64 -6.59 -19.46
CA ASP A 88 -24.65 -6.58 -20.55
C ASP A 88 -25.32 -7.09 -21.84
N GLU A 89 -26.09 -8.16 -21.74
CA GLU A 89 -26.75 -8.80 -22.89
C GLU A 89 -27.69 -7.78 -23.55
N ASN A 90 -28.34 -6.91 -22.77
CA ASN A 90 -29.36 -5.95 -23.26
C ASN A 90 -28.73 -4.61 -23.66
N ASN A 91 -27.43 -4.40 -23.44
CA ASN A 91 -26.80 -3.08 -23.67
C ASN A 91 -25.46 -3.30 -24.37
N ILE A 92 -25.43 -4.14 -25.42
CA ILE A 92 -24.17 -4.48 -26.15
C ILE A 92 -23.47 -3.17 -26.56
N ASP A 93 -24.26 -2.22 -27.07
CA ASP A 93 -23.76 -0.95 -27.67
C ASP A 93 -22.98 -0.18 -26.59
N ALA A 94 -23.53 -0.12 -25.38
CA ALA A 94 -22.87 0.54 -24.24
C ALA A 94 -21.54 -0.15 -23.98
N ASN A 95 -21.44 -1.49 -24.08
CA ASN A 95 -20.16 -2.19 -23.78
C ASN A 95 -19.17 -2.05 -24.93
N VAL A 96 -19.65 -1.86 -26.17
CA VAL A 96 -18.72 -1.63 -27.32
C VAL A 96 -17.92 -0.37 -26.97
N LYS A 97 -18.64 0.68 -26.55
CA LYS A 97 -18.08 1.99 -26.12
C LYS A 97 -17.13 1.73 -24.95
N ASN A 98 -17.61 1.06 -23.89
CA ASN A 98 -16.74 0.70 -22.73
C ASN A 98 -15.45 0.03 -23.24
N PHE A 99 -15.50 -1.05 -24.04
CA PHE A 99 -14.27 -1.77 -24.49
C PHE A 99 -13.43 -0.95 -25.49
N SER A 100 -14.01 0.01 -26.20
CA SER A 100 -13.24 0.78 -27.21
C SER A 100 -12.22 1.66 -26.47
N LEU A 101 -12.67 2.23 -25.33
CA LEU A 101 -11.88 3.13 -24.43
C LEU A 101 -10.70 2.38 -23.83
N VAL A 102 -10.63 1.07 -24.00
CA VAL A 102 -9.53 0.27 -23.39
C VAL A 102 -8.59 -0.14 -24.53
N LYS A 103 -7.33 0.26 -24.42
CA LYS A 103 -6.36 0.12 -25.55
C LYS A 103 -6.22 -1.31 -26.04
N LYS A 104 -6.13 -2.33 -25.18
CA LYS A 104 -5.92 -3.68 -25.77
C LYS A 104 -7.23 -4.35 -26.18
N TYR A 105 -8.38 -3.73 -25.90
CA TYR A 105 -9.67 -4.33 -26.30
C TYR A 105 -10.34 -3.43 -27.36
N LYS A 106 -9.61 -2.44 -27.86
CA LYS A 106 -10.15 -1.49 -28.87
C LYS A 106 -10.38 -2.14 -30.25
N ASN A 107 -9.43 -2.94 -30.72
CA ASN A 107 -9.52 -3.58 -32.07
C ASN A 107 -10.68 -4.57 -32.16
N GLU A 108 -11.00 -5.26 -31.06
CA GLU A 108 -12.05 -6.32 -31.03
C GLU A 108 -13.26 -5.92 -30.17
N SER A 109 -13.48 -4.63 -29.95
CA SER A 109 -14.59 -4.14 -29.09
C SER A 109 -15.95 -4.80 -29.36
N GLU A 110 -16.34 -4.98 -30.63
CA GLU A 110 -17.70 -5.52 -30.95
C GLU A 110 -17.74 -6.98 -30.47
N LYS A 111 -16.68 -7.75 -30.73
CA LYS A 111 -16.59 -9.18 -30.34
C LYS A 111 -16.65 -9.27 -28.82
N TYR A 112 -15.90 -8.41 -28.12
CA TYR A 112 -15.76 -8.45 -26.64
C TYR A 112 -17.11 -8.12 -26.00
N ALA A 113 -17.84 -7.14 -26.53
CA ALA A 113 -19.13 -6.73 -25.99
C ALA A 113 -20.13 -7.89 -26.18
N LYS A 114 -20.01 -8.62 -27.29
CA LYS A 114 -20.90 -9.77 -27.56
C LYS A 114 -20.58 -10.94 -26.63
N LEU A 115 -19.31 -11.22 -26.34
CA LEU A 115 -18.94 -12.44 -25.58
C LEU A 115 -18.99 -12.17 -24.06
N LEU A 116 -19.05 -10.91 -23.61
CA LEU A 116 -18.98 -10.54 -22.17
C LEU A 116 -20.08 -11.23 -21.36
N PRO A 117 -21.38 -11.20 -21.76
CA PRO A 117 -22.42 -11.81 -20.93
C PRO A 117 -22.19 -13.30 -20.65
N ASP A 118 -21.85 -14.09 -21.67
CA ASP A 118 -21.60 -15.53 -21.45
C ASP A 118 -20.26 -15.77 -20.74
N PHE A 119 -19.30 -14.85 -20.84
CA PHE A 119 -18.02 -14.96 -20.11
C PHE A 119 -18.37 -14.85 -18.60
N GLU A 120 -19.17 -13.85 -18.26
CA GLU A 120 -19.62 -13.64 -16.88
C GLU A 120 -20.41 -14.86 -16.41
N ARG A 121 -21.29 -15.43 -17.25
CA ARG A 121 -22.08 -16.61 -16.81
C ARG A 121 -21.13 -17.80 -16.66
N GLN A 122 -20.13 -17.93 -17.52
CA GLN A 122 -19.20 -19.07 -17.45
C GLN A 122 -18.35 -18.93 -16.19
N GLU A 123 -17.94 -17.71 -15.84
CA GLU A 123 -17.19 -17.44 -14.58
C GLU A 123 -18.09 -17.86 -13.41
N ILE A 124 -19.38 -17.53 -13.45
CA ILE A 124 -20.33 -17.94 -12.36
C ILE A 124 -20.38 -19.48 -12.28
N ILE A 125 -20.41 -20.18 -13.41
CA ILE A 125 -20.52 -21.68 -13.48
C ILE A 125 -19.25 -22.28 -12.84
N GLU A 126 -18.07 -21.76 -13.18
CA GLU A 126 -16.79 -22.24 -12.59
C GLU A 126 -16.85 -22.02 -11.08
N MET A 127 -17.31 -20.85 -10.65
CA MET A 127 -17.35 -20.45 -9.23
C MET A 127 -18.34 -21.32 -8.47
N MET A 128 -19.51 -21.60 -9.05
CA MET A 128 -20.49 -22.53 -8.42
C MET A 128 -19.90 -23.95 -8.39
N ASN A 129 -19.25 -24.42 -9.45
CA ASN A 129 -18.64 -25.78 -9.44
C ASN A 129 -17.59 -25.85 -8.32
N SER A 130 -16.72 -24.85 -8.16
CA SER A 130 -15.70 -24.82 -7.07
C SER A 130 -16.39 -24.84 -5.70
N SER A 131 -17.39 -23.99 -5.51
CA SER A 131 -18.12 -23.83 -4.23
C SER A 131 -18.80 -25.17 -3.89
N ILE A 132 -19.54 -25.75 -4.85
CA ILE A 132 -20.25 -27.05 -4.62
C ILE A 132 -19.22 -28.13 -4.25
N SER A 133 -18.13 -28.27 -5.00
CA SER A 133 -17.07 -29.28 -4.71
C SER A 133 -16.49 -29.07 -3.33
N GLU A 134 -16.15 -27.84 -3.00
CA GLU A 134 -15.52 -27.56 -1.71
C GLU A 134 -16.51 -27.92 -0.59
N LEU A 135 -17.71 -27.38 -0.62
CA LEU A 135 -18.68 -27.60 0.49
C LEU A 135 -19.02 -29.10 0.63
N GLU A 136 -19.18 -29.85 -0.46
CA GLU A 136 -19.46 -31.31 -0.37
CA GLU A 136 -19.39 -31.33 -0.51
C GLU A 136 -18.30 -32.01 0.34
N ALA A 137 -17.05 -31.63 0.08
CA ALA A 137 -15.87 -32.17 0.77
C ALA A 137 -15.91 -31.79 2.25
N VAL A 138 -16.25 -30.53 2.56
CA VAL A 138 -16.36 -30.08 3.97
C VAL A 138 -17.47 -30.89 4.66
N MET A 139 -18.62 -31.10 4.01
CA MET A 139 -19.73 -31.83 4.66
C MET A 139 -19.33 -33.28 4.92
N ARG A 140 -18.44 -33.86 4.11
CA ARG A 140 -18.00 -35.27 4.26
C ARG A 140 -16.79 -35.41 5.17
N GLY A 141 -16.31 -34.34 5.77
CA GLY A 141 -15.17 -34.42 6.69
C GLY A 141 -13.85 -34.58 5.98
N GLU A 142 -13.77 -34.29 4.67
CA GLU A 142 -12.55 -34.52 3.85
C GLU A 142 -11.63 -33.29 3.84
N LEU A 143 -12.20 -32.09 4.04
CA LEU A 143 -11.51 -30.81 4.25
C LEU A 143 -11.89 -30.32 5.62
N LYS A 144 -10.92 -29.83 6.37
CA LYS A 144 -11.19 -29.21 7.68
C LYS A 144 -11.39 -27.71 7.46
N ARG A 145 -12.53 -27.17 7.84
CA ARG A 145 -12.81 -25.71 7.75
C ARG A 145 -12.54 -25.04 9.08
N LEU A 146 -11.60 -24.11 9.12
CA LEU A 146 -11.31 -23.35 10.35
C LEU A 146 -12.48 -22.43 10.64
N PRO A 147 -12.72 -22.12 11.93
CA PRO A 147 -13.64 -21.07 12.30
C PRO A 147 -13.26 -19.73 11.65
N THR A 148 -14.26 -18.96 11.26
CA THR A 148 -14.04 -17.63 10.63
C THR A 148 -15.21 -16.73 11.01
N PRO A 149 -14.96 -15.45 11.35
CA PRO A 149 -16.01 -14.56 11.88
C PRO A 149 -16.93 -14.04 10.78
N VAL A 150 -18.20 -13.86 11.12
CA VAL A 150 -19.17 -13.07 10.34
C VAL A 150 -19.05 -11.67 10.94
N VAL A 151 -18.27 -10.80 10.31
CA VAL A 151 -17.86 -9.48 10.87
C VAL A 151 -19.05 -8.51 10.77
N ASP A 152 -19.47 -7.99 11.92
CA ASP A 152 -20.39 -6.84 12.00
C ASP A 152 -19.54 -5.57 12.05
N TRP A 153 -19.55 -4.82 10.96
CA TRP A 153 -18.65 -3.65 10.77
C TRP A 153 -19.04 -2.49 11.71
N THR A 154 -20.24 -2.53 12.29
CA THR A 154 -20.70 -1.53 13.28
C THR A 154 -19.90 -1.72 14.57
N LYS A 155 -19.25 -2.86 14.79
CA LYS A 155 -18.58 -3.20 16.06
C LYS A 155 -17.05 -3.24 15.91
N VAL A 156 -16.48 -3.06 14.72
CA VAL A 156 -15.00 -3.16 14.52
C VAL A 156 -14.35 -1.92 15.12
N LYS A 157 -13.25 -2.11 15.82
CA LYS A 157 -12.44 -0.99 16.37
C LYS A 157 -10.98 -1.12 15.96
N VAL A 158 -10.29 0.01 15.87
CA VAL A 158 -8.83 0.05 15.68
C VAL A 158 -8.21 -0.19 17.05
N ASP A 159 -7.25 -1.11 17.10
CA ASP A 159 -6.44 -1.30 18.31
C ASP A 159 -4.99 -1.52 17.86
N LYS A 160 -4.14 -0.53 18.08
CA LYS A 160 -2.71 -0.56 17.68
CA LYS A 160 -2.71 -0.58 17.68
C LYS A 160 -2.64 -0.90 16.18
N ASP A 161 -2.05 -2.04 15.81
CA ASP A 161 -1.84 -2.44 14.39
C ASP A 161 -2.97 -3.36 13.94
N MET A 162 -4.08 -3.39 14.66
CA MET A 162 -5.16 -4.34 14.28
C MET A 162 -6.53 -3.69 14.13
N LEU A 163 -7.37 -4.34 13.34
CA LEU A 163 -8.81 -4.07 13.29
C LEU A 163 -9.38 -5.24 14.11
N VAL A 164 -10.12 -4.92 15.17
CA VAL A 164 -10.57 -5.97 16.12
C VAL A 164 -12.09 -6.18 16.08
N TYR A 165 -12.49 -7.43 15.90
CA TYR A 165 -13.89 -7.86 16.04
C TYR A 165 -13.94 -8.95 17.12
N GLU A 166 -14.72 -8.72 18.19
CA GLU A 166 -14.95 -9.74 19.25
C GLU A 166 -13.60 -10.25 19.76
N GLY A 167 -12.67 -9.31 19.93
CA GLY A 167 -11.37 -9.54 20.58
C GLY A 167 -10.34 -10.19 19.66
N LYS A 168 -10.61 -10.34 18.37
CA LYS A 168 -9.65 -10.94 17.44
C LYS A 168 -9.33 -9.97 16.32
N PRO A 169 -8.09 -10.02 15.78
CA PRO A 169 -7.74 -9.31 14.56
C PRO A 169 -8.58 -9.83 13.38
N VAL A 170 -9.09 -8.88 12.59
CA VAL A 170 -9.71 -9.16 11.27
C VAL A 170 -9.07 -8.26 10.21
N PHE A 171 -9.32 -8.59 8.95
CA PHE A 171 -8.87 -7.88 7.75
C PHE A 171 -10.09 -7.53 6.91
N LEU A 172 -10.16 -6.30 6.42
CA LEU A 172 -11.37 -5.74 5.77
C LEU A 172 -11.15 -5.50 4.28
N ALA A 173 -12.15 -5.85 3.48
CA ALA A 173 -12.20 -5.50 2.04
C ALA A 173 -13.56 -4.91 1.70
N ASP A 174 -13.56 -3.77 1.03
CA ASP A 174 -14.75 -3.20 0.35
C ASP A 174 -14.30 -2.63 -1.02
N TRP A 175 -15.15 -1.88 -1.69
CA TRP A 175 -14.94 -1.48 -3.10
C TRP A 175 -15.29 0.00 -3.26
N THR A 176 -14.45 0.75 -3.96
CA THR A 176 -14.67 2.17 -4.32
C THR A 176 -16.04 2.32 -5.04
N TRP A 177 -16.87 3.26 -4.55
CA TRP A 177 -18.14 3.73 -5.16
C TRP A 177 -19.22 2.65 -5.15
N LYS A 178 -19.02 1.51 -4.47
CA LYS A 178 -20.04 0.44 -4.38
C LYS A 178 -21.32 1.01 -3.79
N PRO A 179 -22.48 0.81 -4.43
CA PRO A 179 -23.74 1.28 -3.85
C PRO A 179 -23.94 0.66 -2.46
N ARG A 180 -24.33 1.48 -1.49
CA ARG A 180 -24.45 1.08 -0.06
C ARG A 180 -25.86 0.54 0.14
N ILE A 181 -26.15 -0.62 -0.45
CA ILE A 181 -27.49 -1.27 -0.35
C ILE A 181 -27.32 -2.62 0.34
N LYS A 182 -28.37 -3.07 1.02
CA LYS A 182 -28.35 -4.37 1.75
C LYS A 182 -27.68 -5.48 0.92
N GLU A 183 -28.06 -5.64 -0.35
CA GLU A 183 -27.61 -6.75 -1.25
C GLU A 183 -26.07 -6.76 -1.33
N TYR A 184 -25.41 -5.59 -1.26
CA TYR A 184 -23.95 -5.39 -1.50
C TYR A 184 -23.16 -5.29 -0.18
N ILE A 185 -23.80 -5.03 0.97
CA ILE A 185 -23.07 -4.82 2.26
C ILE A 185 -23.16 -6.08 3.14
N GLU A 186 -24.01 -7.06 2.80
CA GLU A 186 -24.10 -8.34 3.56
C GLU A 186 -22.79 -9.10 3.46
N TYR A 187 -22.22 -9.23 2.27
CA TYR A 187 -20.99 -10.06 2.08
C TYR A 187 -19.80 -9.27 1.53
N HIS A 188 -20.06 -8.19 0.79
CA HIS A 188 -19.01 -7.51 -0.02
C HIS A 188 -18.42 -6.27 0.65
N GLY A 189 -18.51 -6.20 1.97
CA GLY A 189 -17.90 -5.14 2.77
C GLY A 189 -18.95 -4.16 3.21
N ASN A 190 -18.75 -3.53 4.37
CA ASN A 190 -19.69 -2.52 4.92
C ASN A 190 -18.92 -1.26 5.36
N LEU A 191 -18.08 -0.74 4.46
CA LEU A 191 -17.28 0.47 4.75
C LEU A 191 -18.17 1.70 4.63
N ASP A 192 -18.26 2.46 5.71
CA ASP A 192 -19.04 3.70 5.77
C ASP A 192 -18.07 4.85 5.47
N GLY A 193 -18.55 6.08 5.63
CA GLY A 193 -17.70 7.26 5.55
C GLY A 193 -18.48 8.48 5.11
N PHE A 194 -17.74 9.56 4.87
CA PHE A 194 -18.30 10.88 4.58
C PHE A 194 -17.33 11.62 3.66
N PHE A 195 -17.85 12.25 2.62
CA PHE A 195 -17.07 13.01 1.62
C PHE A 195 -17.30 14.50 1.87
N MET A 196 -16.27 15.31 1.89
CA MET A 196 -16.46 16.78 1.86
C MET A 196 -15.34 17.43 1.05
N THR A 197 -15.54 18.71 0.72
CA THR A 197 -14.69 19.51 -0.18
C THR A 197 -14.66 20.94 0.35
N ASN A 198 -13.54 21.63 0.13
CA ASN A 198 -13.49 23.07 0.46
C ASN A 198 -14.59 23.83 -0.28
N ALA A 199 -15.13 23.33 -1.39
CA ALA A 199 -16.24 24.02 -2.11
C ALA A 199 -17.49 24.05 -1.22
N ASN A 200 -17.54 23.25 -0.15
CA ASN A 200 -18.71 23.23 0.76
C ASN A 200 -18.63 24.43 1.70
N VAL A 201 -17.50 25.16 1.70
CA VAL A 201 -17.39 26.47 2.40
C VAL A 201 -17.92 27.51 1.41
N ILE A 202 -19.12 28.04 1.62
CA ILE A 202 -19.84 28.80 0.58
C ILE A 202 -19.58 30.31 0.73
N ASN A 203 -18.91 30.76 1.79
CA ASN A 203 -18.61 32.22 1.86
C ASN A 203 -17.36 32.51 2.70
N ASN A 204 -16.98 33.80 2.71
CA ASN A 204 -15.82 34.33 3.46
C ASN A 204 -16.04 34.19 4.98
N LYS A 205 -17.29 34.21 5.43
CA LYS A 205 -17.70 34.05 6.85
C LYS A 205 -17.49 32.61 7.34
N GLY A 206 -17.35 31.63 6.44
CA GLY A 206 -17.10 30.23 6.86
C GLY A 206 -18.37 29.39 6.92
N ASP A 207 -19.46 29.87 6.33
CA ASP A 207 -20.74 29.14 6.36
C ASP A 207 -20.59 27.89 5.51
N ILE A 208 -21.15 26.79 5.97
CA ILE A 208 -21.07 25.47 5.29
C ILE A 208 -22.35 25.29 4.48
N SER A 209 -22.23 24.74 3.29
CA SER A 209 -23.35 24.27 2.45
C SER A 209 -24.42 23.60 3.31
N PRO A 210 -25.67 24.13 3.34
CA PRO A 210 -26.78 23.48 4.05
C PRO A 210 -27.00 21.99 3.74
N LYS A 211 -26.74 21.54 2.51
CA LYS A 211 -26.87 20.12 2.09
C LYS A 211 -25.92 19.26 2.94
N VAL A 212 -24.74 19.81 3.26
CA VAL A 212 -23.70 19.07 4.03
C VAL A 212 -24.12 19.04 5.51
N ILE A 213 -24.54 20.18 6.06
CA ILE A 213 -25.05 20.20 7.45
C ILE A 213 -26.20 19.18 7.61
N ASN A 214 -27.19 19.20 6.70
CA ASN A 214 -28.35 18.31 6.77
C ASN A 214 -27.88 16.85 6.80
N GLU A 215 -26.93 16.50 5.94
CA GLU A 215 -26.44 15.10 5.86
C GLU A 215 -25.80 14.74 7.20
N LEU A 216 -24.93 15.60 7.72
CA LEU A 216 -24.17 15.29 8.96
C LEU A 216 -25.11 15.22 10.17
N GLN A 217 -26.17 16.04 10.20
CA GLN A 217 -27.11 16.04 11.35
C GLN A 217 -27.86 14.72 11.36
N GLU A 218 -28.19 14.18 10.19
CA GLU A 218 -29.04 12.97 10.02
C GLU A 218 -28.19 11.69 10.04
N LYS A 219 -26.90 11.78 9.74
CA LYS A 219 -26.09 10.56 9.48
C LYS A 219 -25.97 9.75 10.78
N GLU A 220 -26.30 8.48 10.71
CA GLU A 220 -26.17 7.56 11.84
C GLU A 220 -24.70 7.30 12.14
N ASP A 221 -24.41 6.87 13.37
CA ASP A 221 -23.09 6.42 13.83
C ASP A 221 -22.45 5.45 12.83
N GLY A 222 -23.20 4.40 12.46
CA GLY A 222 -23.04 3.62 11.22
C GLY A 222 -22.00 2.53 11.37
N SER A 223 -21.35 2.14 10.26
CA SER A 223 -20.30 1.11 10.26
C SER A 223 -18.92 1.77 10.21
N ILE A 224 -17.87 0.98 10.40
CA ILE A 224 -16.51 1.58 10.44
C ILE A 224 -16.29 2.22 9.07
N GLY A 225 -15.74 3.42 9.08
CA GLY A 225 -15.68 4.26 7.88
C GLY A 225 -14.56 5.27 7.96
N PHE A 226 -14.39 6.00 6.88
CA PHE A 226 -13.41 7.10 6.85
C PHE A 226 -14.01 8.34 6.20
N VAL A 227 -13.42 9.48 6.55
CA VAL A 227 -13.80 10.82 5.99
C VAL A 227 -12.81 11.16 4.87
N PHE A 228 -13.34 11.52 3.72
CA PHE A 228 -12.54 11.82 2.49
C PHE A 228 -12.50 13.34 2.33
N LEU A 229 -11.33 13.96 2.47
CA LEU A 229 -11.17 15.42 2.17
C LEU A 229 -10.75 15.58 0.72
N ASN A 230 -11.61 16.22 -0.06
CA ASN A 230 -11.36 16.60 -1.47
C ASN A 230 -10.63 17.93 -1.53
N HIS A 231 -9.65 18.05 -2.43
CA HIS A 231 -8.83 19.28 -2.60
C HIS A 231 -8.80 19.75 -4.06
N SER A 232 -9.51 19.11 -4.99
CA SER A 232 -9.51 19.50 -6.42
C SER A 232 -10.49 20.66 -6.68
N ASN A 233 -11.45 20.87 -5.79
CA ASN A 233 -12.59 21.79 -6.00
C ASN A 233 -12.50 22.87 -4.92
N PHE A 234 -11.93 24.02 -5.26
CA PHE A 234 -11.75 25.12 -4.30
C PHE A 234 -12.84 26.15 -4.58
N PRO A 235 -13.51 26.74 -3.56
CA PRO A 235 -14.73 27.53 -3.83
C PRO A 235 -14.50 28.79 -4.70
N LYS A 236 -15.38 29.03 -5.67
CA LYS A 236 -15.24 30.14 -6.66
C LYS A 236 -15.21 31.49 -5.91
N TRP A 237 -15.96 31.68 -4.84
CA TRP A 237 -15.94 33.00 -4.16
C TRP A 237 -14.51 33.32 -3.71
N ALA A 238 -13.77 32.32 -3.23
CA ALA A 238 -12.39 32.50 -2.74
C ALA A 238 -11.47 32.81 -3.92
N GLU A 239 -11.67 32.12 -5.03
CA GLU A 239 -10.84 32.33 -6.24
C GLU A 239 -11.05 33.77 -6.74
N LYS A 240 -12.29 34.26 -6.78
CA LYS A 240 -12.65 35.63 -7.22
C LYS A 240 -12.02 36.63 -6.22
N LYS A 241 -12.13 36.41 -4.92
CA LYS A 241 -11.57 37.32 -3.91
C LYS A 241 -10.04 37.48 -4.06
N ASP A 242 -9.30 36.43 -4.40
CA ASP A 242 -7.84 36.53 -4.58
C ASP A 242 -7.38 35.41 -5.52
N PRO A 243 -7.36 35.68 -6.84
CA PRO A 243 -7.00 34.67 -7.82
C PRO A 243 -5.63 34.05 -7.57
N THR A 244 -4.77 34.66 -6.76
CA THR A 244 -3.42 34.08 -6.54
C THR A 244 -3.58 32.77 -5.77
N VAL A 245 -4.74 32.56 -5.16
CA VAL A 245 -5.02 31.35 -4.35
C VAL A 245 -4.91 30.10 -5.25
N LYS A 246 -4.98 30.23 -6.58
CA LYS A 246 -4.93 29.11 -7.56
C LYS A 246 -3.49 28.81 -7.97
N ASP A 247 -2.52 29.66 -7.60
CA ASP A 247 -1.13 29.48 -8.09
C ASP A 247 -0.47 28.32 -7.32
N GLY A 248 0.57 27.71 -7.89
CA GLY A 248 1.37 26.67 -7.26
C GLY A 248 0.51 25.54 -6.73
N PRO A 249 -0.38 24.96 -7.56
CA PRO A 249 -1.16 23.80 -7.16
C PRO A 249 -0.25 22.56 -7.07
N GLY A 250 -0.76 21.54 -6.39
CA GLY A 250 -0.21 20.16 -6.42
C GLY A 250 -1.07 19.37 -7.37
N ILE A 251 -0.79 19.46 -8.66
CA ILE A 251 -1.65 18.90 -9.73
C ILE A 251 -1.76 17.38 -9.55
N LYS A 252 -2.97 16.79 -9.76
CA LYS A 252 -4.22 17.49 -10.06
C LYS A 252 -5.13 17.53 -8.81
N TYR A 253 -4.75 16.91 -7.70
CA TYR A 253 -5.68 16.66 -6.57
C TYR A 253 -5.67 17.80 -5.56
N THR A 254 -4.71 18.73 -5.58
CA THR A 254 -4.78 19.98 -4.72
C THR A 254 -4.69 21.21 -5.63
N MET A 255 -5.84 21.71 -6.11
CA MET A 255 -5.87 22.71 -7.20
C MET A 255 -5.96 24.11 -6.58
N TYR A 256 -5.08 24.39 -5.64
CA TYR A 256 -4.94 25.68 -4.95
C TYR A 256 -3.59 25.66 -4.22
N ASP A 257 -3.21 26.80 -3.68
CA ASP A 257 -1.87 27.02 -3.08
C ASP A 257 -1.93 26.64 -1.60
N ILE A 258 -1.27 25.55 -1.19
CA ILE A 258 -1.23 25.13 0.24
C ILE A 258 -0.54 26.19 1.11
N ASN A 259 0.22 27.13 0.52
CA ASN A 259 0.91 28.16 1.34
C ASN A 259 0.13 29.49 1.32
N HIS A 260 -1.07 29.56 0.74
CA HIS A 260 -1.85 30.83 0.65
C HIS A 260 -2.74 30.97 1.89
N PRO A 261 -2.77 32.13 2.58
CA PRO A 261 -3.59 32.30 3.78
C PRO A 261 -5.08 32.04 3.56
N LEU A 262 -5.61 32.31 2.36
CA LEU A 262 -7.06 32.13 2.13
C LEU A 262 -7.33 30.63 2.00
N ALA A 263 -6.34 29.85 1.58
CA ALA A 263 -6.46 28.38 1.52
C ALA A 263 -6.57 27.85 2.95
N ARG A 264 -5.71 28.33 3.85
CA ARG A 264 -5.73 27.91 5.27
C ARG A 264 -7.06 28.36 5.96
N GLN A 265 -7.53 29.57 5.69
CA GLN A 265 -8.85 30.03 6.24
C GLN A 265 -9.94 29.03 5.80
N VAL A 266 -9.95 28.68 4.52
CA VAL A 266 -11.06 27.88 3.94
C VAL A 266 -11.02 26.47 4.55
N ASN A 267 -9.84 25.86 4.59
CA ASN A 267 -9.70 24.51 5.18
C ASN A 267 -10.10 24.55 6.66
N SER A 268 -9.63 25.54 7.42
CA SER A 268 -9.98 25.73 8.86
C SER A 268 -11.50 25.85 9.00
N ASP A 269 -12.14 26.58 8.08
CA ASP A 269 -13.60 26.83 8.13
C ASP A 269 -14.34 25.52 7.81
N LEU A 270 -13.89 24.78 6.79
CA LEU A 270 -14.49 23.47 6.46
C LEU A 270 -14.45 22.58 7.71
N ILE A 271 -13.30 22.46 8.35
CA ILE A 271 -13.09 21.44 9.42
C ILE A 271 -13.92 21.84 10.65
N LYS A 272 -13.88 23.12 11.04
CA LYS A 272 -14.64 23.74 12.16
C LYS A 272 -16.14 23.49 11.98
N GLY A 273 -16.64 23.55 10.74
CA GLY A 273 -18.09 23.56 10.47
C GLY A 273 -18.65 22.15 10.27
N THR A 274 -17.77 21.14 10.18
CA THR A 274 -18.18 19.76 9.82
C THR A 274 -17.75 18.77 10.91
N VAL A 275 -16.48 18.80 11.32
CA VAL A 275 -15.92 17.71 12.17
C VAL A 275 -16.66 17.61 13.51
N PRO A 276 -17.19 18.69 14.16
CA PRO A 276 -17.98 18.49 15.38
C PRO A 276 -19.15 17.51 15.26
N TYR A 277 -19.73 17.34 14.08
CA TYR A 277 -20.85 16.40 13.83
C TYR A 277 -20.32 14.96 13.71
N MET A 278 -19.04 14.77 13.40
CA MET A 278 -18.47 13.46 13.04
C MET A 278 -17.73 12.88 14.25
N ALA A 279 -17.37 13.72 15.24
CA ALA A 279 -16.33 13.39 16.23
C ALA A 279 -16.75 12.16 17.03
N GLY A 280 -15.90 11.13 17.06
CA GLY A 280 -16.10 9.93 17.88
C GLY A 280 -16.98 8.91 17.17
N LYS A 281 -17.53 9.24 16.02
CA LYS A 281 -18.57 8.36 15.42
C LYS A 281 -17.89 7.15 14.76
N GLN A 282 -18.60 6.03 14.72
CA GLN A 282 -18.05 4.78 14.16
C GLN A 282 -17.63 5.03 12.70
N TYR A 283 -18.28 5.95 11.94
CA TYR A 283 -17.96 6.15 10.49
C TYR A 283 -16.65 6.92 10.31
N THR A 284 -16.00 7.35 11.40
CA THR A 284 -14.65 7.97 11.39
C THR A 284 -13.61 6.98 11.91
N GLY A 285 -13.98 5.75 12.25
CA GLY A 285 -13.05 4.79 12.89
C GLY A 285 -11.81 4.46 12.06
N LEU A 286 -11.92 4.41 10.74
CA LEU A 286 -10.75 4.20 9.85
C LEU A 286 -10.23 5.56 9.36
N GLY A 287 -10.59 6.63 10.07
CA GLY A 287 -9.82 7.86 10.08
C GLY A 287 -10.27 8.87 9.05
N TYR A 288 -9.48 9.94 8.99
CA TYR A 288 -9.66 11.11 8.10
C TYR A 288 -8.56 11.07 7.04
N MET A 289 -8.99 10.93 5.80
CA MET A 289 -8.08 10.79 4.63
C MET A 289 -7.80 12.19 4.08
N LEU A 290 -6.59 12.70 4.25
CA LEU A 290 -6.35 14.16 4.16
C LEU A 290 -6.19 14.59 2.70
N CYS A 291 -5.81 13.70 1.79
CA CYS A 291 -5.76 14.01 0.34
C CYS A 291 -5.61 12.72 -0.47
N ASN A 292 -6.31 12.70 -1.61
CA ASN A 292 -6.19 11.72 -2.73
C ASN A 292 -4.91 11.97 -3.55
N GLU A 293 -3.96 11.02 -3.56
CA GLU A 293 -2.76 11.00 -4.44
C GLU A 293 -2.16 12.39 -4.53
N PRO A 294 -1.84 13.00 -3.38
CA PRO A 294 -1.14 14.29 -3.39
C PRO A 294 0.25 14.19 -4.03
N HIS A 295 0.64 15.28 -4.72
CA HIS A 295 2.00 15.51 -5.23
C HIS A 295 2.06 16.93 -5.76
N TRP A 296 3.25 17.51 -5.60
CA TRP A 296 3.61 18.90 -5.96
C TRP A 296 4.84 18.86 -6.84
N ASN A 297 4.77 18.03 -7.89
CA ASN A 297 5.91 17.84 -8.83
C ASN A 297 6.30 19.21 -9.38
N CYS A 298 7.60 19.45 -9.50
CA CYS A 298 8.17 20.79 -9.71
C CYS A 298 9.40 20.69 -10.65
N ILE A 299 9.47 19.68 -11.51
CA ILE A 299 10.50 19.60 -12.59
C ILE A 299 9.82 19.99 -13.91
N GLU A 300 10.31 21.03 -14.55
CA GLU A 300 9.58 21.55 -15.73
C GLU A 300 9.47 20.45 -16.80
N LYS A 301 8.35 20.40 -17.53
CA LYS A 301 8.13 19.47 -18.68
C LYS A 301 7.87 18.05 -18.19
N THR A 302 7.60 17.83 -16.90
CA THR A 302 7.29 16.48 -16.39
C THR A 302 5.81 16.48 -15.99
N TRP A 303 5.26 15.28 -15.92
CA TRP A 303 3.83 15.02 -15.60
C TRP A 303 3.48 15.67 -14.26
N ALA A 304 2.35 16.38 -14.24
CA ALA A 304 1.69 17.01 -13.08
C ALA A 304 2.64 18.01 -12.41
N SER A 305 3.59 18.59 -13.14
CA SER A 305 4.52 19.61 -12.60
C SER A 305 3.89 21.00 -12.73
N ALA A 306 4.22 21.87 -11.78
CA ALA A 306 3.90 23.30 -11.80
C ALA A 306 4.95 24.04 -10.97
N PRO A 307 5.17 25.32 -11.24
CA PRO A 307 6.02 26.14 -10.39
C PRO A 307 5.30 26.39 -9.07
N ILE A 308 6.06 26.56 -7.99
CA ILE A 308 5.48 26.88 -6.65
C ILE A 308 5.04 28.33 -6.67
N SER A 309 4.13 28.69 -5.77
CA SER A 309 3.54 30.05 -5.70
C SER A 309 4.57 31.02 -5.13
N GLU A 310 4.22 32.31 -5.08
CA GLU A 310 5.07 33.36 -4.45
C GLU A 310 5.02 33.18 -2.93
N TYR A 311 3.83 32.85 -2.39
CA TYR A 311 3.67 32.51 -0.96
C TYR A 311 4.63 31.36 -0.63
N ALA A 312 4.72 30.34 -1.49
CA ALA A 312 5.55 29.13 -1.26
C ALA A 312 7.02 29.52 -1.31
N TYR A 313 7.44 30.35 -2.26
CA TYR A 313 8.86 30.78 -2.38
C TYR A 313 9.26 31.59 -1.13
N GLU A 314 8.34 32.42 -0.62
CA GLU A 314 8.60 33.12 0.67
C GLU A 314 8.81 32.09 1.80
N GLU A 315 8.05 30.99 1.81
CA GLU A 315 8.28 29.92 2.82
C GLU A 315 9.65 29.28 2.56
N PHE A 316 10.00 29.09 1.30
CA PHE A 316 11.35 28.58 0.92
C PHE A 316 12.48 29.42 1.53
N ARG A 317 12.39 30.75 1.45
CA ARG A 317 13.44 31.67 2.02
C ARG A 317 13.54 31.41 3.53
N LYS A 318 12.40 31.22 4.22
CA LYS A 318 12.38 30.88 5.65
C LYS A 318 13.04 29.52 5.91
N TRP A 319 12.70 28.52 5.12
CA TRP A 319 13.31 27.16 5.25
C TRP A 319 14.83 27.28 5.02
N LEU A 320 15.27 28.06 4.02
CA LEU A 320 16.72 28.20 3.68
C LEU A 320 17.45 28.87 4.87
N LYS A 321 16.82 29.86 5.48
CA LYS A 321 17.39 30.54 6.68
C LYS A 321 17.59 29.53 7.81
N ASN A 322 16.60 28.69 8.07
CA ASN A 322 16.71 27.63 9.08
C ASN A 322 17.78 26.62 8.65
N LYS A 323 17.82 26.19 7.38
CA LYS A 323 18.78 25.15 6.93
C LYS A 323 20.20 25.72 7.06
N HIS A 324 20.44 26.93 6.55
CA HIS A 324 21.83 27.40 6.30
C HIS A 324 22.34 28.33 7.41
N GLY A 325 21.44 28.97 8.16
CA GLY A 325 21.80 29.85 9.29
C GLY A 325 22.18 31.25 8.83
N ASN A 326 23.17 31.36 7.96
CA ASN A 326 23.61 32.69 7.43
CA ASN A 326 23.75 32.64 7.45
C ASN A 326 23.67 32.61 5.91
N ILE A 327 23.36 33.74 5.27
CA ILE A 327 23.26 33.82 3.79
C ILE A 327 24.61 33.46 3.16
N ASP A 328 25.72 33.68 3.86
CA ASP A 328 27.05 33.35 3.29
C ASP A 328 27.14 31.84 3.00
N ARG A 329 26.57 31.01 3.85
CA ARG A 329 26.60 29.54 3.65
C ARG A 329 25.75 29.17 2.42
N LEU A 330 24.58 29.79 2.24
CA LEU A 330 23.78 29.54 1.02
C LEU A 330 24.58 29.99 -0.20
N ASN A 331 25.15 31.20 -0.17
CA ASN A 331 25.84 31.80 -1.33
C ASN A 331 27.00 30.88 -1.74
N GLU A 332 27.76 30.35 -0.78
CA GLU A 332 28.89 29.42 -1.04
C GLU A 332 28.36 28.19 -1.78
N LEU A 333 27.21 27.65 -1.37
CA LEU A 333 26.70 26.37 -1.96
C LEU A 333 26.02 26.62 -3.30
N TRP A 334 25.23 27.68 -3.41
CA TRP A 334 24.45 27.97 -4.62
C TRP A 334 25.30 28.72 -5.67
N SER A 335 26.49 29.24 -5.30
CA SER A 335 27.35 30.15 -6.09
C SER A 335 26.58 31.43 -6.41
N THR A 336 26.06 32.09 -5.40
CA THR A 336 25.19 33.26 -5.55
C THR A 336 25.80 34.36 -4.67
N SER A 337 25.22 35.57 -4.76
CA SER A 337 25.68 36.82 -4.11
C SER A 337 24.51 37.55 -3.45
N TYR A 338 23.54 36.80 -2.92
CA TYR A 338 22.36 37.42 -2.28
C TYR A 338 22.79 38.14 -1.01
N LYS A 339 22.22 39.32 -0.75
CA LYS A 339 22.67 40.14 0.40
C LYS A 339 22.03 39.56 1.66
N ASP A 340 20.93 38.80 1.58
CA ASP A 340 20.21 38.24 2.76
C ASP A 340 19.19 37.21 2.27
N PHE A 341 18.50 36.54 3.17
CA PHE A 341 17.54 35.47 2.81
C PHE A 341 16.34 36.08 2.08
N SER A 342 15.86 37.29 2.43
CA SER A 342 14.73 37.92 1.69
C SER A 342 15.08 38.13 0.20
N SER A 343 16.36 38.26 -0.17
CA SER A 343 16.79 38.52 -1.57
C SER A 343 16.89 37.22 -2.36
N VAL A 344 16.84 36.05 -1.75
CA VAL A 344 16.92 34.81 -2.56
C VAL A 344 15.77 34.88 -3.58
N ASP A 345 16.08 34.62 -4.87
CA ASP A 345 15.07 34.84 -5.95
C ASP A 345 15.39 33.95 -7.13
N GLY A 346 15.73 32.68 -6.87
CA GLY A 346 15.88 31.63 -7.89
C GLY A 346 14.55 31.22 -8.52
N PRO A 347 14.63 30.29 -9.49
CA PRO A 347 13.47 29.82 -10.21
C PRO A 347 12.47 29.12 -9.28
N ARG A 348 11.20 29.30 -9.59
CA ARG A 348 10.05 28.69 -8.87
C ARG A 348 9.77 27.25 -9.36
N ILE A 349 10.54 26.75 -10.32
CA ILE A 349 10.45 25.37 -10.84
C ILE A 349 11.88 24.94 -11.15
N MET A 350 12.21 23.66 -10.98
CA MET A 350 13.55 23.13 -11.18
C MET A 350 13.65 22.54 -12.61
N GLN A 351 14.89 22.43 -13.06
CA GLN A 351 15.24 21.70 -14.31
C GLN A 351 15.86 20.36 -13.91
N ALA A 352 15.57 19.30 -14.64
CA ALA A 352 16.17 17.98 -14.42
C ALA A 352 17.69 18.06 -14.45
N SER A 353 18.28 18.89 -15.32
CA SER A 353 19.75 19.10 -15.44
C SER A 353 20.39 19.61 -14.14
N MET A 354 19.62 20.20 -13.23
CA MET A 354 20.14 20.77 -11.97
C MET A 354 20.25 19.68 -10.89
N GLN A 355 19.74 18.49 -11.14
CA GLN A 355 19.81 17.46 -10.07
C GLN A 355 21.28 17.31 -9.68
N GLY A 356 21.56 17.26 -8.38
CA GLY A 356 22.93 17.12 -7.86
C GLY A 356 23.45 18.44 -7.34
N SER A 357 22.88 19.56 -7.78
CA SER A 357 23.30 20.89 -7.33
C SER A 357 22.65 21.19 -6.00
N PRO A 358 23.30 22.04 -5.19
CA PRO A 358 22.72 22.47 -3.92
C PRO A 358 21.38 23.18 -4.01
N MET A 359 21.15 24.04 -5.00
CA MET A 359 19.86 24.74 -5.11
C MET A 359 18.74 23.69 -5.35
N TYR A 360 19.04 22.69 -6.17
CA TYR A 360 18.08 21.63 -6.50
C TYR A 360 17.76 20.86 -5.24
N PHE A 361 18.80 20.47 -4.49
CA PHE A 361 18.62 19.67 -3.27
C PHE A 361 17.69 20.43 -2.32
N ASP A 362 18.00 21.69 -2.10
CA ASP A 362 17.27 22.60 -1.19
C ASP A 362 15.82 22.69 -1.64
N PHE A 363 15.59 22.87 -2.94
CA PHE A 363 14.22 23.04 -3.47
C PHE A 363 13.39 21.78 -3.15
N MET A 364 13.96 20.60 -3.41
CA MET A 364 13.24 19.31 -3.26
C MET A 364 13.02 19.02 -1.77
N ALA A 365 14.01 19.34 -0.93
CA ALA A 365 13.97 19.11 0.54
C ALA A 365 12.90 20.03 1.14
N PHE A 366 12.90 21.30 0.71
CA PHE A 366 11.89 22.30 1.13
C PHE A 366 10.51 21.78 0.68
N ASN A 367 10.39 21.31 -0.57
CA ASN A 367 9.06 20.93 -1.11
C ASN A 367 8.49 19.81 -0.20
N MET A 368 9.32 18.84 0.18
CA MET A 368 8.90 17.78 1.11
C MET A 368 8.46 18.36 2.45
N ASP A 369 9.29 19.20 3.06
CA ASP A 369 9.04 19.79 4.40
C ASP A 369 7.78 20.63 4.37
N ARG A 370 7.50 21.42 3.33
CA ARG A 370 6.30 22.29 3.37
C ARG A 370 5.06 21.43 3.13
N VAL A 371 5.22 20.32 2.40
CA VAL A 371 4.06 19.43 2.18
C VAL A 371 3.77 18.71 3.50
N THR A 372 4.80 18.18 4.17
CA THR A 372 4.65 17.58 5.51
C THR A 372 3.92 18.58 6.43
N GLU A 373 4.37 19.83 6.47
CA GLU A 373 3.76 20.88 7.34
C GLU A 373 2.27 21.08 6.99
N TRP A 374 1.94 21.05 5.70
CA TRP A 374 0.55 21.22 5.24
C TRP A 374 -0.32 20.13 5.84
N PHE A 375 0.13 18.88 5.75
CA PHE A 375 -0.64 17.72 6.26
C PHE A 375 -0.67 17.77 7.78
N SER A 376 0.37 18.26 8.44
CA SER A 376 0.37 18.54 9.89
C SER A 376 -0.70 19.57 10.23
N PHE A 377 -0.79 20.68 9.49
CA PHE A 377 -1.83 21.72 9.65
C PHE A 377 -3.22 21.06 9.55
N LEU A 378 -3.51 20.30 8.49
CA LEU A 378 -4.87 19.71 8.33
C LEU A 378 -5.21 18.80 9.53
N LYS A 379 -4.29 17.92 9.90
CA LYS A 379 -4.44 17.02 11.08
C LYS A 379 -4.65 17.84 12.35
N ASN A 380 -3.87 18.90 12.58
CA ASN A 380 -4.02 19.69 13.85
C ASN A 380 -5.37 20.39 13.84
N GLU A 381 -5.90 20.82 12.69
CA GLU A 381 -7.27 21.43 12.64
C GLU A 381 -8.33 20.38 13.00
N ILE A 382 -8.26 19.18 12.41
CA ILE A 382 -9.23 18.08 12.69
C ILE A 382 -9.18 17.77 14.19
N ARG A 383 -7.98 17.66 14.78
CA ARG A 383 -7.81 17.24 16.19
C ARG A 383 -8.45 18.25 17.17
N LYS A 384 -8.55 19.53 16.82
CA LYS A 384 -9.23 20.60 17.62
C LYS A 384 -10.70 20.22 17.84
N TYR A 385 -11.37 19.59 16.87
CA TYR A 385 -12.81 19.25 16.93
C TYR A 385 -13.01 17.75 17.22
N ASP A 386 -12.05 16.89 16.90
CA ASP A 386 -12.16 15.43 17.22
C ASP A 386 -10.83 14.95 17.79
N PRO A 387 -10.64 15.02 19.13
CA PRO A 387 -9.34 14.71 19.72
C PRO A 387 -8.93 13.23 19.59
N GLN A 388 -9.86 12.34 19.19
CA GLN A 388 -9.59 10.92 18.87
C GLN A 388 -9.29 10.72 17.36
N ALA A 389 -9.20 11.75 16.55
CA ALA A 389 -9.10 11.58 15.08
C ALA A 389 -7.83 10.80 14.74
N LYS A 390 -7.95 9.83 13.85
CA LYS A 390 -6.78 9.19 13.22
C LYS A 390 -6.75 9.70 11.78
N THR A 391 -5.59 10.15 11.33
CA THR A 391 -5.42 10.66 9.97
C THR A 391 -4.53 9.73 9.18
N HIS A 392 -4.72 9.81 7.87
CA HIS A 392 -3.85 9.19 6.87
C HIS A 392 -4.01 9.93 5.56
N ILE A 393 -3.16 9.56 4.62
CA ILE A 393 -3.05 10.20 3.30
C ILE A 393 -3.03 9.08 2.24
N LYS A 394 -3.75 9.26 1.13
CA LYS A 394 -3.74 8.26 0.03
C LYS A 394 -2.46 8.48 -0.79
N ILE A 395 -1.33 8.09 -0.21
CA ILE A 395 0.01 8.31 -0.81
C ILE A 395 0.23 7.25 -1.89
N MET A 396 0.73 7.66 -3.06
CA MET A 396 1.15 6.70 -4.10
C MET A 396 2.49 6.12 -3.68
N PRO A 397 2.64 4.83 -3.33
CA PRO A 397 3.93 4.36 -2.83
C PRO A 397 5.10 4.51 -3.79
N ASN A 398 4.85 4.55 -5.10
CA ASN A 398 5.92 4.67 -6.14
C ASN A 398 6.59 6.06 -6.02
N LEU A 399 6.01 7.04 -5.31
CA LEU A 399 6.72 8.32 -5.06
C LEU A 399 7.88 8.10 -4.08
N TRP A 400 7.95 6.96 -3.42
CA TRP A 400 9.16 6.48 -2.69
C TRP A 400 9.82 5.29 -3.41
N SER A 401 9.07 4.29 -3.90
CA SER A 401 9.70 3.05 -4.42
C SER A 401 10.33 3.31 -5.80
N ASP A 402 9.89 4.32 -6.56
CA ASP A 402 10.55 4.76 -7.82
C ASP A 402 11.52 5.91 -7.50
N ASN A 403 12.22 6.42 -8.52
CA ASN A 403 13.45 7.24 -8.34
C ASN A 403 13.14 8.72 -8.07
N LYS A 404 11.96 9.23 -8.43
CA LYS A 404 11.65 10.67 -8.40
C LYS A 404 11.43 11.15 -6.96
N ARG A 405 11.95 12.34 -6.63
CA ARG A 405 11.81 12.97 -5.29
C ARG A 405 11.42 14.44 -5.42
N ASP A 406 10.76 14.85 -6.53
CA ASP A 406 10.30 16.25 -6.69
C ASP A 406 8.85 16.44 -6.26
N SER A 407 8.15 15.38 -5.81
CA SER A 407 6.70 15.43 -5.53
C SER A 407 6.41 16.16 -4.21
N GLY A 408 7.38 16.33 -3.34
CA GLY A 408 7.18 16.89 -1.98
C GLY A 408 6.65 15.83 -1.03
N ILE A 409 6.61 14.57 -1.47
CA ILE A 409 6.14 13.44 -0.67
C ILE A 409 7.34 12.78 0.01
N ASP A 410 7.35 12.92 1.33
CA ASP A 410 8.33 12.33 2.26
C ASP A 410 7.63 11.15 2.93
N LEU A 411 7.76 9.95 2.39
CA LEU A 411 6.96 8.79 2.85
C LEU A 411 7.23 8.55 4.35
N GLU A 412 8.49 8.70 4.78
CA GLU A 412 8.81 8.46 6.20
C GLU A 412 8.04 9.45 7.05
N ALA A 413 8.12 10.74 6.74
CA ALA A 413 7.54 11.79 7.60
C ALA A 413 6.01 11.63 7.58
N LEU A 414 5.42 11.39 6.42
CA LEU A 414 3.94 11.34 6.33
C LEU A 414 3.46 10.07 7.03
N THR A 415 4.21 8.97 6.93
CA THR A 415 3.85 7.71 7.61
C THR A 415 3.91 7.90 9.13
N ARG A 416 4.99 8.49 9.61
CA ARG A 416 5.20 8.75 11.06
CA ARG A 416 5.18 8.71 11.07
C ARG A 416 4.10 9.67 11.59
N ASN A 417 3.79 10.70 10.82
CA ASN A 417 2.80 11.74 11.22
C ASN A 417 1.36 11.23 11.19
N SER A 418 1.14 10.07 10.58
CA SER A 418 -0.21 9.50 10.41
C SER A 418 -0.49 8.41 11.46
N GLU A 419 -1.68 8.47 12.07
CA GLU A 419 -2.15 7.44 13.02
C GLU A 419 -2.40 6.11 12.28
N ILE A 420 -2.83 6.19 11.02
CA ILE A 420 -3.09 5.01 10.15
C ILE A 420 -2.16 5.14 8.93
N ILE A 421 -1.53 4.05 8.49
CA ILE A 421 -0.65 4.06 7.30
C ILE A 421 -1.56 4.07 6.08
N GLY A 422 -1.68 5.23 5.43
CA GLY A 422 -2.45 5.37 4.19
C GLY A 422 -1.57 5.13 2.99
N ASN A 423 -2.19 4.61 1.93
CA ASN A 423 -1.58 4.48 0.58
C ASN A 423 -2.66 4.01 -0.40
N ASP A 424 -2.33 3.99 -1.69
CA ASP A 424 -3.14 3.30 -2.74
C ASP A 424 -2.16 2.51 -3.59
N ALA A 425 -1.44 1.60 -2.93
CA ALA A 425 -0.46 0.69 -3.56
C ALA A 425 -1.12 0.04 -4.76
N SER A 426 -0.36 0.03 -5.87
CA SER A 426 -0.62 -0.71 -7.14
C SER A 426 0.29 -1.93 -7.21
N SER A 427 -0.17 -2.96 -7.92
CA SER A 427 0.64 -4.12 -8.34
C SER A 427 0.35 -4.39 -9.84
N CYS A 428 -0.42 -5.42 -10.13
CA CYS A 428 -0.91 -5.73 -11.49
C CYS A 428 0.24 -6.20 -12.40
N GLY A 429 -0.16 -6.64 -13.60
CA GLY A 429 0.71 -7.32 -14.59
C GLY A 429 1.21 -6.36 -15.65
N ALA A 430 1.57 -6.92 -16.83
CA ALA A 430 2.25 -6.17 -17.91
C ALA A 430 1.30 -5.09 -18.42
N TRP A 431 1.84 -3.92 -18.76
CA TRP A 431 1.09 -2.78 -19.37
C TRP A 431 0.49 -3.19 -20.72
N MET A 432 -0.54 -2.49 -21.18
CA MET A 432 -1.20 -2.75 -22.50
C MET A 432 -0.33 -2.23 -23.67
N TRP A 433 0.79 -1.54 -23.37
CA TRP A 433 1.73 -0.94 -24.34
C TRP A 433 3.12 -0.77 -23.69
N GLY A 434 4.15 -0.56 -24.51
CA GLY A 434 5.52 -0.23 -24.06
C GLY A 434 6.41 -1.45 -23.95
N LYS A 435 7.73 -1.21 -23.81
CA LYS A 435 8.79 -2.20 -23.50
C LYS A 435 8.48 -2.86 -22.15
N PRO A 436 8.87 -4.13 -21.92
CA PRO A 436 8.67 -4.78 -20.61
C PRO A 436 9.23 -3.94 -19.44
N LYS A 437 8.54 -3.88 -18.28
CA LYS A 437 9.08 -3.27 -17.02
C LYS A 437 10.16 -4.21 -16.48
N SER A 438 11.04 -3.75 -15.59
CA SER A 438 12.18 -4.55 -15.07
C SER A 438 11.69 -5.78 -14.28
N TRP A 439 10.55 -5.70 -13.59
CA TRP A 439 10.00 -6.89 -12.87
C TRP A 439 9.64 -8.03 -13.84
N GLU A 440 9.33 -7.75 -15.11
CA GLU A 440 8.79 -8.78 -16.05
C GLU A 440 9.85 -9.83 -16.33
N LYS A 441 11.12 -9.55 -16.13
CA LYS A 441 12.16 -10.59 -16.32
C LYS A 441 11.93 -11.76 -15.37
N ASN A 442 11.55 -11.49 -14.13
CA ASN A 442 11.59 -12.57 -13.11
C ASN A 442 10.22 -12.86 -12.50
N TYR A 443 9.29 -11.90 -12.48
CA TYR A 443 8.15 -11.88 -11.53
C TYR A 443 6.83 -11.92 -12.31
N ALA A 444 5.78 -12.39 -11.63
CA ALA A 444 4.42 -12.47 -12.17
C ALA A 444 3.73 -11.11 -12.23
N PHE A 445 4.16 -10.16 -11.41
CA PHE A 445 3.45 -8.87 -11.24
C PHE A 445 4.43 -7.87 -10.64
N ASP A 446 4.01 -6.61 -10.59
CA ASP A 446 4.84 -5.55 -9.98
C ASP A 446 4.69 -5.71 -8.46
N TRP A 447 5.64 -6.40 -7.82
CA TRP A 447 5.65 -6.75 -6.39
C TRP A 447 6.24 -5.62 -5.51
N VAL A 448 6.76 -4.54 -6.09
CA VAL A 448 7.71 -3.64 -5.38
C VAL A 448 6.96 -2.78 -4.35
N GLU A 449 5.78 -2.26 -4.68
CA GLU A 449 5.01 -1.41 -3.73
C GLU A 449 4.50 -2.25 -2.54
N ILE A 450 3.82 -3.38 -2.76
CA ILE A 450 3.22 -4.18 -1.64
C ILE A 450 4.28 -4.95 -0.83
N CYS A 451 5.48 -5.16 -1.35
CA CYS A 451 6.59 -5.77 -0.58
C CYS A 451 7.52 -4.68 -0.03
N MET A 452 8.25 -3.99 -0.89
CA MET A 452 9.35 -3.08 -0.45
C MET A 452 8.78 -1.79 0.14
N ALA A 453 7.82 -1.11 -0.48
CA ALA A 453 7.26 0.15 0.10
C ALA A 453 6.51 -0.15 1.44
N TYR A 454 5.69 -1.21 1.50
CA TYR A 454 5.01 -1.66 2.74
C TYR A 454 6.07 -1.89 3.82
N ASP A 455 7.17 -2.56 3.48
CA ASP A 455 8.26 -2.88 4.44
C ASP A 455 8.90 -1.56 4.95
N PHE A 456 9.01 -0.57 4.09
CA PHE A 456 9.55 0.75 4.50
C PHE A 456 8.56 1.40 5.49
N MET A 457 7.30 1.49 5.11
CA MET A 457 6.23 2.09 5.94
C MET A 457 6.17 1.36 7.30
N LYS A 458 6.24 0.02 7.33
CA LYS A 458 6.17 -0.72 8.61
C LYS A 458 7.49 -0.60 9.39
N SER A 459 8.63 -0.36 8.72
CA SER A 459 9.90 -0.05 9.42
C SER A 459 9.74 1.28 10.17
N VAL A 460 9.10 2.26 9.52
CA VAL A 460 8.88 3.60 10.10
C VAL A 460 7.89 3.51 11.27
N SER A 461 6.74 2.86 11.05
CA SER A 461 5.62 2.76 12.04
C SER A 461 5.14 1.34 12.15
N PRO A 462 5.74 0.48 13.02
CA PRO A 462 5.29 -0.91 13.11
C PRO A 462 3.92 -1.12 13.77
N ASP A 463 3.37 -0.13 14.49
CA ASP A 463 2.24 -0.38 15.42
C ASP A 463 0.95 0.33 14.97
N LYS A 464 0.71 0.37 13.68
CA LYS A 464 -0.42 1.07 13.04
C LYS A 464 -1.12 0.17 12.05
N VAL A 465 -2.44 0.31 12.01
CA VAL A 465 -3.29 -0.23 10.94
C VAL A 465 -2.81 0.37 9.62
N MET A 466 -2.80 -0.44 8.59
CA MET A 466 -2.54 0.03 7.22
C MET A 466 -3.83 -0.05 6.38
N PHE A 467 -4.20 1.08 5.77
CA PHE A 467 -5.46 1.23 5.03
C PHE A 467 -5.14 1.67 3.61
N ASN A 468 -5.25 0.74 2.65
CA ASN A 468 -5.16 1.03 1.21
C ASN A 468 -6.54 1.51 0.74
N THR A 469 -6.67 2.82 0.53
CA THR A 469 -7.96 3.54 0.35
C THR A 469 -8.35 3.56 -1.12
N GLU A 470 -7.47 3.07 -1.99
CA GLU A 470 -7.84 2.87 -3.41
C GLU A 470 -6.96 1.76 -3.96
N GLY A 471 -7.32 0.51 -3.67
CA GLY A 471 -6.47 -0.65 -3.97
C GLY A 471 -6.33 -0.84 -5.47
N HIS A 472 -5.09 -0.85 -5.97
CA HIS A 472 -4.79 -0.98 -7.41
C HIS A 472 -4.03 -2.30 -7.62
N MET A 473 -4.41 -3.34 -6.89
CA MET A 473 -3.83 -4.71 -7.06
C MET A 473 -4.65 -5.55 -8.03
N LEU A 474 -5.76 -5.04 -8.59
CA LEU A 474 -6.58 -5.80 -9.60
C LEU A 474 -6.51 -5.10 -10.97
N SER A 475 -6.71 -3.76 -11.05
CA SER A 475 -6.62 -2.98 -12.32
C SER A 475 -5.99 -1.60 -12.10
N THR A 476 -5.43 -1.06 -13.17
CA THR A 476 -4.91 0.33 -13.31
C THR A 476 -5.30 0.90 -14.68
N GLY A 477 -4.93 2.16 -14.95
CA GLY A 477 -4.97 2.77 -16.29
C GLY A 477 -4.08 2.04 -17.28
N LYS A 478 -3.02 1.36 -16.83
CA LYS A 478 -1.96 0.77 -17.69
C LYS A 478 -2.22 -0.73 -17.91
N TYR A 479 -2.97 -1.40 -17.01
CA TYR A 479 -3.10 -2.89 -17.01
C TYR A 479 -4.58 -3.26 -17.03
N ARG A 480 -4.88 -4.36 -17.71
CA ARG A 480 -6.25 -4.92 -17.77
C ARG A 480 -6.16 -6.31 -18.38
N ASP A 481 -6.95 -7.23 -17.85
CA ASP A 481 -7.02 -8.62 -18.33
C ASP A 481 -8.38 -9.16 -17.92
N LEU A 482 -9.26 -9.38 -18.89
CA LEU A 482 -10.65 -9.91 -18.62
C LEU A 482 -10.50 -11.26 -17.88
N TYR A 483 -9.46 -12.04 -18.22
CA TYR A 483 -9.22 -13.44 -17.76
C TYR A 483 -8.34 -13.46 -16.49
N GLN A 484 -8.20 -12.33 -15.83
CA GLN A 484 -7.45 -12.26 -14.56
C GLN A 484 -7.92 -13.44 -13.69
N THR A 485 -6.99 -14.17 -13.06
CA THR A 485 -7.31 -15.40 -12.29
C THR A 485 -7.65 -15.09 -10.83
N LYS A 486 -8.51 -15.91 -10.25
CA LYS A 486 -8.73 -15.80 -8.80
C LYS A 486 -7.40 -16.05 -8.07
N GLU A 487 -6.49 -16.87 -8.61
CA GLU A 487 -5.19 -17.22 -7.96
C GLU A 487 -4.35 -15.92 -7.86
N TYR A 488 -4.34 -15.12 -8.91
CA TYR A 488 -3.62 -13.82 -8.91
C TYR A 488 -4.19 -12.95 -7.80
N ALA A 489 -5.52 -12.89 -7.72
CA ALA A 489 -6.19 -11.93 -6.80
C ALA A 489 -5.85 -12.33 -5.36
N ARG A 490 -6.01 -13.62 -5.04
CA ARG A 490 -5.71 -14.19 -3.70
C ARG A 490 -4.24 -13.98 -3.35
N GLY A 491 -3.32 -14.32 -4.25
CA GLY A 491 -1.87 -14.19 -3.96
C GLY A 491 -1.50 -12.77 -3.58
N ASN A 492 -2.10 -11.80 -4.26
CA ASN A 492 -1.77 -10.37 -4.08
C ASN A 492 -2.32 -9.89 -2.75
N TYR A 493 -3.56 -10.19 -2.42
CA TYR A 493 -4.15 -9.67 -1.17
C TYR A 493 -3.44 -10.39 -0.01
N TRP A 494 -3.11 -11.65 -0.22
CA TRP A 494 -2.45 -12.44 0.84
C TRP A 494 -1.06 -11.82 1.10
N LEU A 495 -0.29 -11.63 0.04
CA LEU A 495 1.09 -11.12 0.15
C LEU A 495 1.07 -9.72 0.79
N ALA A 496 0.21 -8.82 0.29
CA ALA A 496 0.11 -7.45 0.82
C ALA A 496 -0.21 -7.51 2.32
N THR A 497 -1.06 -8.45 2.73
CA THR A 497 -1.46 -8.60 4.15
C THR A 497 -0.28 -9.10 4.97
N ILE A 498 0.50 -10.05 4.45
CA ILE A 498 1.74 -10.49 5.13
C ILE A 498 2.65 -9.27 5.41
N HIS A 499 2.69 -8.30 4.50
CA HIS A 499 3.59 -7.13 4.60
C HIS A 499 2.93 -5.96 5.35
N GLY A 500 1.72 -6.13 5.90
CA GLY A 500 1.14 -5.14 6.83
C GLY A 500 -0.27 -4.68 6.48
N LEU A 501 -0.76 -4.95 5.28
CA LEU A 501 -2.09 -4.44 4.89
C LEU A 501 -3.18 -4.96 5.84
N THR A 502 -4.03 -4.05 6.30
CA THR A 502 -5.10 -4.35 7.27
C THR A 502 -6.47 -4.21 6.62
N ALA A 503 -6.67 -3.22 5.77
CA ALA A 503 -7.97 -2.92 5.16
C ALA A 503 -7.74 -2.36 3.78
N THR A 504 -8.66 -2.63 2.87
CA THR A 504 -8.59 -2.18 1.46
C THR A 504 -9.98 -1.74 1.00
N GLN A 505 -10.07 -0.53 0.46
CA GLN A 505 -11.19 -0.15 -0.42
C GLN A 505 -10.67 -0.38 -1.83
N THR A 506 -11.06 -1.45 -2.51
CA THR A 506 -10.48 -1.86 -3.80
C THR A 506 -11.07 -1.03 -4.95
N TRP A 507 -10.23 -0.56 -5.87
CA TRP A 507 -10.67 0.05 -7.15
C TRP A 507 -11.16 -1.05 -8.11
N TYR A 508 -12.44 -1.06 -8.51
CA TYR A 508 -13.54 -0.21 -8.06
C TYR A 508 -14.89 -0.84 -8.46
N TRP A 509 -15.95 -0.49 -7.76
CA TRP A 509 -17.31 -1.03 -8.01
C TRP A 509 -18.14 0.07 -8.65
N CYS A 510 -17.88 0.28 -9.94
CA CYS A 510 -18.50 1.36 -10.74
C CYS A 510 -19.89 0.91 -11.23
N ARG A 511 -20.21 -0.39 -11.19
CA ARG A 511 -21.56 -0.94 -11.48
C ARG A 511 -22.61 -0.30 -10.59
N ARG A 512 -23.73 0.14 -11.17
CA ARG A 512 -24.92 0.59 -10.41
C ARG A 512 -25.75 -0.67 -10.12
N GLU A 513 -26.76 -0.55 -9.27
CA GLU A 513 -27.64 -1.69 -8.90
C GLU A 513 -28.25 -2.32 -10.16
N ASP A 514 -28.58 -1.51 -11.18
CA ASP A 514 -29.26 -1.98 -12.42
C ASP A 514 -28.27 -2.66 -13.40
N GLY A 515 -26.97 -2.57 -13.16
CA GLY A 515 -25.91 -3.13 -14.03
C GLY A 515 -25.32 -2.12 -15.00
N SER A 516 -25.90 -0.93 -15.14
CA SER A 516 -25.28 0.25 -15.80
C SER A 516 -24.06 0.72 -14.99
N SER A 517 -23.34 1.71 -15.53
CA SER A 517 -22.04 2.26 -15.06
C SER A 517 -22.20 3.69 -14.54
N ARG A 518 -21.65 4.01 -13.35
CA ARG A 518 -21.41 5.40 -12.82
C ARG A 518 -20.16 5.97 -13.50
N ASN A 524 -11.43 5.14 -19.05
CA ASN A 524 -10.48 4.05 -19.44
C ASN A 524 -10.57 2.84 -18.48
N GLY A 525 -11.06 3.04 -17.25
CA GLY A 525 -10.85 2.08 -16.15
C GLY A 525 -11.83 0.91 -16.15
N TYR A 526 -12.95 1.00 -16.90
CA TYR A 526 -14.16 0.19 -16.62
C TYR A 526 -14.08 -1.20 -17.27
N ALA A 527 -13.93 -1.28 -18.59
CA ALA A 527 -14.08 -2.59 -19.29
C ALA A 527 -12.98 -3.56 -18.81
N ALA A 528 -13.36 -4.81 -18.52
CA ALA A 528 -12.43 -5.93 -18.19
C ALA A 528 -11.76 -5.66 -16.82
N SER A 529 -12.32 -4.72 -16.05
CA SER A 529 -12.06 -4.53 -14.60
C SER A 529 -12.92 -5.56 -13.84
N ASN A 530 -12.84 -5.52 -12.51
CA ASN A 530 -13.58 -6.44 -11.61
C ASN A 530 -15.07 -6.33 -11.91
N ASN A 531 -15.52 -5.19 -12.45
CA ASN A 531 -16.95 -4.95 -12.78
C ASN A 531 -17.44 -5.99 -13.82
N HIS A 532 -16.52 -6.72 -14.46
CA HIS A 532 -16.81 -7.80 -15.43
C HIS A 532 -16.26 -9.16 -14.98
N GLN A 533 -15.91 -9.34 -13.71
CA GLN A 533 -15.14 -10.55 -13.28
C GLN A 533 -15.70 -11.11 -11.97
N PRO A 534 -16.76 -11.95 -12.05
CA PRO A 534 -17.39 -12.52 -10.86
C PRO A 534 -16.41 -13.26 -9.94
N ARG A 535 -15.41 -13.96 -10.48
CA ARG A 535 -14.50 -14.79 -9.68
C ARG A 535 -13.46 -13.91 -8.99
N ILE A 536 -13.09 -12.75 -9.56
CA ILE A 536 -12.16 -11.79 -8.90
C ILE A 536 -12.87 -11.12 -7.70
N VAL A 537 -14.05 -10.58 -7.92
CA VAL A 537 -14.84 -9.94 -6.83
C VAL A 537 -14.97 -10.94 -5.67
N ASN A 538 -15.36 -12.18 -5.97
CA ASN A 538 -15.59 -13.21 -4.92
C ASN A 538 -14.24 -13.50 -4.24
N GLU A 539 -13.13 -13.64 -4.99
CA GLU A 539 -11.90 -14.20 -4.41
C GLU A 539 -11.30 -13.21 -3.40
N VAL A 540 -11.48 -11.90 -3.57
CA VAL A 540 -11.01 -10.94 -2.55
C VAL A 540 -11.66 -11.28 -1.22
N HIS A 541 -12.97 -11.46 -1.18
CA HIS A 541 -13.71 -11.75 0.08
C HIS A 541 -13.37 -13.14 0.62
N ALA A 542 -13.19 -14.12 -0.26
CA ALA A 542 -12.73 -15.47 0.14
C ALA A 542 -11.34 -15.38 0.77
N THR A 543 -10.46 -14.57 0.21
CA THR A 543 -9.12 -14.37 0.83
C THR A 543 -9.27 -13.76 2.24
N MET A 544 -10.08 -12.73 2.42
CA MET A 544 -10.31 -12.14 3.77
C MET A 544 -10.80 -13.23 4.72
N ILE A 545 -11.71 -14.08 4.26
CA ILE A 545 -12.27 -15.17 5.11
C ILE A 545 -11.12 -16.07 5.59
N ASP A 546 -10.23 -16.46 4.67
CA ASP A 546 -9.10 -17.33 5.08
C ASP A 546 -8.14 -16.55 5.98
N LEU A 547 -7.77 -15.33 5.63
CA LEU A 547 -6.86 -14.53 6.49
C LEU A 547 -7.50 -14.37 7.90
N ASN A 548 -8.78 -14.03 7.99
CA ASN A 548 -9.46 -13.94 9.31
C ASN A 548 -9.27 -15.24 10.10
N SER A 549 -9.39 -16.39 9.44
CA SER A 549 -9.40 -17.72 10.08
C SER A 549 -8.03 -17.99 10.70
N VAL A 550 -6.99 -17.31 10.22
CA VAL A 550 -5.63 -17.49 10.77
C VAL A 550 -5.04 -16.15 11.20
N SER A 551 -5.86 -15.24 11.69
CA SER A 551 -5.45 -13.82 11.84
C SER A 551 -4.34 -13.71 12.89
N ASP A 552 -4.31 -14.60 13.89
CA ASP A 552 -3.19 -14.56 14.88
C ASP A 552 -1.87 -14.89 14.16
N TYR A 553 -1.86 -15.91 13.29
CA TYR A 553 -0.66 -16.25 12.50
C TYR A 553 -0.26 -15.02 11.66
N ILE A 554 -1.24 -14.38 11.01
CA ILE A 554 -1.03 -13.25 10.08
C ILE A 554 -0.42 -12.11 10.87
N MET A 555 -0.97 -11.81 12.06
CA MET A 555 -0.37 -10.68 12.82
C MET A 555 1.06 -11.08 13.23
N SER A 556 1.34 -12.34 13.58
CA SER A 556 2.72 -12.77 13.92
C SER A 556 3.65 -12.57 12.71
N PHE A 557 3.20 -12.93 11.51
CA PHE A 557 4.01 -12.68 10.29
C PHE A 557 4.21 -11.17 10.10
N GLN A 558 3.20 -10.32 10.28
CA GLN A 558 3.33 -8.85 10.04
C GLN A 558 4.33 -8.28 11.06
N ARG A 559 4.27 -8.77 12.29
CA ARG A 559 5.04 -8.19 13.44
C ARG A 559 6.43 -8.81 13.52
N GLN A 560 6.70 -9.88 12.79
CA GLN A 560 7.99 -10.60 12.97
C GLN A 560 9.16 -9.62 12.86
N ARG A 561 10.13 -9.78 13.74
CA ARG A 561 11.45 -9.11 13.72
C ARG A 561 11.96 -9.04 12.28
N LYS A 562 12.30 -7.82 11.85
CA LYS A 562 13.02 -7.50 10.60
C LYS A 562 14.51 -7.38 10.92
N PRO A 563 15.30 -8.47 10.89
CA PRO A 563 16.63 -8.43 11.49
C PRO A 563 17.72 -7.75 10.64
N LEU A 564 17.40 -7.47 9.38
CA LEU A 564 18.32 -6.76 8.49
C LEU A 564 17.59 -5.49 8.06
N ARG A 565 18.24 -4.34 8.28
CA ARG A 565 17.69 -3.02 7.88
C ARG A 565 18.59 -2.40 6.81
N ILE A 566 17.99 -2.09 5.67
CA ILE A 566 18.71 -1.39 4.57
C ILE A 566 18.67 0.09 4.92
N PHE A 567 19.82 0.75 4.97
CA PHE A 567 19.89 2.20 5.25
C PHE A 567 19.32 3.02 4.08
N TYR A 568 18.42 3.94 4.41
CA TYR A 568 17.77 4.85 3.44
C TYR A 568 18.02 6.29 3.90
N THR A 569 18.42 7.15 3.00
CA THR A 569 18.49 8.62 3.29
C THR A 569 18.07 9.42 2.07
N LYS A 570 17.26 10.44 2.32
CA LYS A 570 16.84 11.46 1.33
C LYS A 570 18.06 12.17 0.76
N ALA A 571 19.18 12.27 1.47
CA ALA A 571 20.44 12.83 0.94
C ALA A 571 20.82 12.15 -0.38
N SER A 572 20.74 10.82 -0.48
CA SER A 572 21.04 10.06 -1.73
C SER A 572 19.86 10.06 -2.69
N SER A 573 18.60 9.92 -2.24
CA SER A 573 17.45 9.78 -3.18
C SER A 573 17.23 11.09 -3.92
N ILE A 574 17.38 12.24 -3.25
CA ILE A 574 17.15 13.56 -3.92
C ILE A 574 18.28 13.82 -4.93
N ASN A 575 19.55 13.53 -4.61
CA ASN A 575 20.72 13.91 -5.45
C ASN A 575 20.93 12.90 -6.59
N LYS A 576 20.51 11.65 -6.46
CA LYS A 576 20.80 10.61 -7.50
C LYS A 576 19.58 10.40 -8.41
N ALA A 577 19.85 10.14 -9.69
CA ALA A 577 18.83 9.89 -10.71
C ALA A 577 18.14 8.57 -10.38
N GLU A 578 18.87 7.59 -9.87
CA GLU A 578 18.42 6.17 -9.82
C GLU A 578 18.78 5.51 -8.48
N HIS A 579 18.56 6.20 -7.36
CA HIS A 579 18.91 5.65 -6.04
C HIS A 579 18.05 4.41 -5.74
N MET A 580 16.76 4.44 -6.12
CA MET A 580 15.84 3.36 -5.74
C MET A 580 16.07 2.13 -6.61
N ASN A 581 16.70 2.26 -7.80
CA ASN A 581 17.19 1.04 -8.50
C ASN A 581 18.15 0.32 -7.55
N ASP A 582 19.07 1.05 -6.93
CA ASP A 582 20.09 0.46 -6.03
C ASP A 582 19.41 -0.12 -4.78
N VAL A 583 18.50 0.64 -4.19
CA VAL A 583 17.86 0.17 -2.94
C VAL A 583 17.06 -1.11 -3.26
N LEU A 584 16.32 -1.13 -4.37
CA LEU A 584 15.62 -2.37 -4.80
C LEU A 584 16.62 -3.50 -4.98
N ARG A 585 17.81 -3.25 -5.57
CA ARG A 585 18.73 -4.36 -5.91
C ARG A 585 19.12 -5.09 -4.62
N ILE A 586 19.41 -4.36 -3.53
CA ILE A 586 19.87 -4.95 -2.25
C ILE A 586 18.64 -5.57 -1.53
N TYR A 587 17.48 -4.92 -1.57
CA TYR A 587 16.22 -5.49 -1.02
C TYR A 587 15.93 -6.85 -1.66
N GLU A 588 15.91 -6.91 -2.99
CA GLU A 588 15.65 -8.14 -3.77
C GLU A 588 16.68 -9.22 -3.40
N LYS A 589 17.94 -8.82 -3.27
CA LYS A 589 19.05 -9.73 -2.95
C LYS A 589 18.79 -10.37 -1.59
N LEU A 590 18.20 -9.65 -0.62
CA LEU A 590 18.05 -10.15 0.76
C LEU A 590 16.68 -10.81 1.00
N ASN A 591 15.68 -10.58 0.16
CA ASN A 591 14.25 -10.79 0.50
C ASN A 591 13.77 -12.24 0.30
N PHE A 592 14.60 -13.15 -0.19
CA PHE A 592 14.15 -14.54 -0.47
C PHE A 592 14.96 -15.52 0.37
N SER A 593 15.28 -15.15 1.61
CA SER A 593 16.08 -15.99 2.55
C SER A 593 15.27 -16.36 3.79
N GLY A 594 13.94 -16.15 3.79
CA GLY A 594 13.08 -16.51 4.93
C GLY A 594 12.97 -15.43 6.00
N LEU A 595 13.60 -14.27 5.81
CA LEU A 595 13.66 -13.17 6.81
C LEU A 595 12.89 -11.97 6.29
N PRO A 596 12.08 -11.32 7.15
CA PRO A 596 11.51 -10.03 6.81
C PRO A 596 12.67 -9.06 6.67
N ILE A 597 12.72 -8.31 5.56
CA ILE A 597 13.76 -7.29 5.32
C ILE A 597 13.16 -5.91 5.55
N GLY A 598 13.80 -5.07 6.39
CA GLY A 598 13.29 -3.74 6.67
C GLY A 598 14.27 -2.67 6.34
N PHE A 599 13.98 -1.46 6.82
CA PHE A 599 14.77 -0.26 6.49
C PHE A 599 15.23 0.42 7.78
N ALA A 600 16.31 1.19 7.65
CA ALA A 600 16.85 2.07 8.69
C ALA A 600 16.99 3.46 8.09
N THR A 601 16.71 4.46 8.90
CA THR A 601 16.97 5.89 8.62
C THR A 601 17.47 6.51 9.92
N GLU A 602 17.84 7.78 9.87
CA GLU A 602 18.07 8.54 11.12
C GLU A 602 16.81 8.49 12.02
N GLY A 603 15.62 8.74 11.46
CA GLY A 603 14.38 8.81 12.25
C GLY A 603 14.02 7.49 12.89
N ILE A 604 14.18 6.39 12.17
CA ILE A 604 13.94 5.04 12.72
C ILE A 604 14.94 4.76 13.86
N LEU A 605 16.23 5.06 13.66
CA LEU A 605 17.24 4.76 14.72
C LEU A 605 16.89 5.61 15.94
N LYS A 606 16.44 6.85 15.74
CA LYS A 606 16.20 7.73 16.92
C LYS A 606 14.88 7.39 17.61
N ASN A 607 13.89 6.85 16.91
CA ASN A 607 12.52 6.77 17.50
C ASN A 607 12.06 5.35 17.75
N ASN A 608 12.70 4.32 17.18
CA ASN A 608 12.20 2.92 17.20
C ASN A 608 13.19 2.02 17.95
N PRO A 609 12.74 0.98 18.68
CA PRO A 609 13.68 0.03 19.29
C PRO A 609 14.56 -0.64 18.21
N HIS A 610 15.84 -0.84 18.53
CA HIS A 610 16.88 -1.33 17.57
C HIS A 610 16.79 -2.86 17.48
N GLU A 611 15.64 -3.36 17.05
CA GLU A 611 15.31 -4.81 17.06
C GLU A 611 15.78 -5.38 15.71
N TRP A 612 17.09 -5.39 15.51
CA TRP A 612 17.75 -5.97 14.33
C TRP A 612 19.20 -6.33 14.65
N ASP A 613 19.82 -7.10 13.77
CA ASP A 613 21.19 -7.65 13.98
C ASP A 613 22.16 -6.83 13.14
N ALA A 614 21.71 -6.22 12.05
CA ALA A 614 22.64 -5.45 11.20
C ALA A 614 21.91 -4.42 10.36
N ILE A 615 22.61 -3.32 10.08
CA ILE A 615 22.25 -2.33 9.03
C ILE A 615 23.17 -2.57 7.83
N VAL A 616 22.60 -2.59 6.64
CA VAL A 616 23.40 -2.67 5.39
C VAL A 616 23.35 -1.29 4.75
N VAL A 617 24.49 -0.80 4.29
CA VAL A 617 24.61 0.52 3.63
C VAL A 617 25.20 0.28 2.24
N TYR A 618 24.36 0.47 1.22
CA TYR A 618 24.64 0.09 -0.18
C TYR A 618 24.40 1.29 -1.07
N LYS A 619 25.44 1.63 -1.87
CA LYS A 619 25.39 2.68 -2.91
C LYS A 619 24.65 3.93 -2.39
N THR A 620 25.07 4.39 -1.22
CA THR A 620 24.53 5.59 -0.54
C THR A 620 25.68 6.58 -0.34
N PRO A 621 26.24 7.15 -1.43
CA PRO A 621 27.44 7.99 -1.34
C PRO A 621 27.14 9.32 -0.66
N TYR A 622 25.93 9.87 -0.84
CA TYR A 622 25.42 11.08 -0.13
C TYR A 622 24.75 10.70 1.19
N ALA A 623 25.16 11.33 2.30
CA ALA A 623 24.48 11.18 3.60
C ALA A 623 24.51 12.51 4.31
N PHE A 624 23.47 12.78 5.10
CA PHE A 624 23.49 13.89 6.09
C PHE A 624 24.59 13.55 7.08
N LYS A 625 25.32 14.56 7.57
CA LYS A 625 26.22 14.33 8.72
C LYS A 625 25.42 13.62 9.84
N SER A 626 24.18 14.01 10.09
CA SER A 626 23.35 13.40 11.17
C SER A 626 23.03 11.92 10.86
N ASP A 627 23.04 11.51 9.61
CA ASP A 627 22.87 10.06 9.26
C ASP A 627 24.08 9.31 9.86
N ILE A 628 25.27 9.77 9.51
CA ILE A 628 26.55 9.11 9.91
C ILE A 628 26.67 9.10 11.44
N GLU A 629 26.39 10.23 12.10
CA GLU A 629 26.41 10.36 13.58
C GLU A 629 25.43 9.36 14.17
N THR A 630 24.23 9.20 13.60
CA THR A 630 23.25 8.27 14.20
C THR A 630 23.75 6.84 13.96
N VAL A 631 24.32 6.53 12.79
CA VAL A 631 24.78 5.14 12.55
C VAL A 631 25.97 4.87 13.49
N GLN A 632 26.76 5.89 13.83
CA GLN A 632 27.91 5.75 14.77
C GLN A 632 27.37 5.32 16.13
N LYS A 633 26.29 5.97 16.60
CA LYS A 633 25.71 5.68 17.93
C LYS A 633 25.26 4.21 17.96
N TYR A 634 24.81 3.66 16.83
CA TYR A 634 24.39 2.26 16.76
C TYR A 634 25.63 1.36 16.87
N LEU A 635 26.75 1.70 16.21
CA LEU A 635 28.04 0.96 16.37
C LEU A 635 28.51 1.03 17.83
N ASP A 636 28.33 2.18 18.49
CA ASP A 636 28.70 2.43 19.90
C ASP A 636 27.84 1.58 20.85
N GLU A 637 26.65 1.12 20.44
CA GLU A 637 25.88 0.13 21.25
C GLU A 637 26.22 -1.30 20.86
N CYS A 638 27.30 -1.59 20.14
CA CYS A 638 27.71 -2.96 19.72
C CYS A 638 26.85 -3.42 18.51
N GLY A 639 26.29 -2.50 17.72
CA GLY A 639 25.60 -2.83 16.47
C GLY A 639 26.56 -3.33 15.41
N THR A 640 26.04 -3.97 14.38
CA THR A 640 26.80 -4.38 13.18
C THR A 640 26.36 -3.54 12.00
N VAL A 641 27.33 -2.95 11.31
CA VAL A 641 27.09 -2.19 10.07
C VAL A 641 27.94 -2.81 8.97
N ILE A 642 27.28 -3.12 7.85
CA ILE A 642 27.90 -3.71 6.63
C ILE A 642 27.77 -2.66 5.55
N ILE A 643 28.90 -2.17 5.06
CA ILE A 643 28.95 -0.98 4.17
C ILE A 643 29.84 -1.30 2.98
N ASP A 644 29.47 -0.79 1.81
CA ASP A 644 30.24 -0.99 0.57
C ASP A 644 31.32 0.09 0.52
N ASN A 645 32.08 0.16 -0.58
CA ASN A 645 33.22 1.11 -0.71
C ASN A 645 32.70 2.47 -1.17
N GLU A 646 31.48 2.54 -1.68
CA GLU A 646 30.95 3.75 -2.35
C GLU A 646 30.14 4.62 -1.39
N SER A 647 29.74 4.13 -0.21
CA SER A 647 28.72 4.83 0.61
C SER A 647 29.31 5.86 1.58
N PHE A 648 28.53 6.86 1.98
CA PHE A 648 28.88 7.81 3.06
C PHE A 648 30.19 8.54 2.72
N LYS A 649 30.37 9.02 1.49
CA LYS A 649 31.57 9.77 1.02
C LYS A 649 31.35 11.28 1.11
N THR A 650 30.13 11.77 0.82
CA THR A 650 29.83 13.22 0.92
C THR A 650 28.56 13.52 1.72
N ASP A 651 28.35 14.81 1.98
CA ASP A 651 27.07 15.31 2.54
C ASP A 651 26.09 15.48 1.38
N GLU A 652 24.94 16.08 1.69
CA GLU A 652 23.81 16.25 0.76
C GLU A 652 24.16 17.28 -0.31
N TYR A 653 25.28 17.99 -0.14
CA TYR A 653 25.74 18.99 -1.13
C TYR A 653 26.96 18.47 -1.90
N GLY A 654 27.29 17.19 -1.79
CA GLY A 654 28.43 16.56 -2.47
C GLY A 654 29.78 16.98 -1.89
N ARG A 655 29.82 17.55 -0.69
CA ARG A 655 31.09 17.97 -0.07
C ARG A 655 31.69 16.75 0.64
N LYS A 656 33.00 16.49 0.48
CA LYS A 656 33.71 15.35 1.13
C LYS A 656 33.34 15.39 2.60
N ILE A 657 32.92 14.27 3.17
CA ILE A 657 32.39 14.23 4.56
C ILE A 657 33.57 14.30 5.55
N ASP A 658 33.44 15.15 6.58
CA ASP A 658 34.48 15.45 7.61
C ASP A 658 34.68 14.19 8.47
N LEU A 659 33.60 13.44 8.67
CA LEU A 659 33.43 12.33 9.66
C LEU A 659 33.37 10.99 8.92
N THR A 660 33.99 9.94 9.44
CA THR A 660 33.78 8.56 8.91
C THR A 660 33.35 7.66 10.07
N LEU A 661 32.64 6.58 9.76
CA LEU A 661 32.20 5.58 10.75
C LEU A 661 33.44 4.94 11.36
N LYS A 662 33.44 4.74 12.68
CA LYS A 662 34.50 4.00 13.39
C LYS A 662 33.88 2.77 14.03
N GLN A 663 34.51 1.62 13.86
CA GLN A 663 33.98 0.34 14.41
C GLN A 663 33.67 0.50 15.90
N GLY A 664 34.63 1.05 16.66
CA GLY A 664 34.58 1.08 18.13
C GLY A 664 34.14 -0.24 18.71
N LYS A 665 33.09 -0.21 19.53
CA LYS A 665 32.52 -1.38 20.26
C LYS A 665 31.67 -2.27 19.36
N GLY A 666 31.27 -1.82 18.18
CA GLY A 666 30.42 -2.63 17.30
C GLY A 666 31.25 -3.37 16.28
N LYS A 667 30.63 -3.72 15.16
CA LYS A 667 31.25 -4.48 14.06
C LYS A 667 31.01 -3.68 12.79
N LEU A 668 32.07 -3.17 12.18
CA LEU A 668 31.98 -2.38 10.94
C LEU A 668 32.65 -3.14 9.81
N ILE A 669 31.85 -3.69 8.91
CA ILE A 669 32.32 -4.68 7.90
C ILE A 669 32.21 -4.02 6.54
N VAL A 670 33.35 -3.92 5.87
CA VAL A 670 33.44 -3.31 4.52
C VAL A 670 33.42 -4.43 3.50
N VAL A 671 32.57 -4.30 2.49
CA VAL A 671 32.40 -5.34 1.44
C VAL A 671 32.44 -4.64 0.09
N SER A 672 32.64 -5.40 -0.98
CA SER A 672 32.89 -4.88 -2.35
C SER A 672 31.75 -5.27 -3.28
N THR A 673 31.00 -6.34 -2.97
CA THR A 673 29.96 -6.87 -3.87
C THR A 673 28.66 -7.11 -3.11
N LEU A 674 27.57 -7.16 -3.85
CA LEU A 674 26.22 -7.55 -3.39
C LEU A 674 26.30 -8.92 -2.74
N ASN A 675 27.04 -9.86 -3.33
CA ASN A 675 27.16 -11.24 -2.79
C ASN A 675 27.83 -11.17 -1.43
N GLU A 676 28.96 -10.48 -1.32
CA GLU A 676 29.63 -10.29 -0.02
C GLU A 676 28.64 -9.64 0.95
N MET A 677 27.93 -8.61 0.51
CA MET A 677 27.04 -7.87 1.46
C MET A 677 25.99 -8.86 1.98
N LYS A 678 25.37 -9.64 1.10
CA LYS A 678 24.39 -10.67 1.53
C LYS A 678 25.05 -11.68 2.48
N ASN A 679 26.25 -12.21 2.14
CA ASN A 679 26.93 -13.23 2.98
C ASN A 679 27.17 -12.64 4.37
N GLU A 680 27.68 -11.42 4.45
CA GLU A 680 27.93 -10.82 5.80
C GLU A 680 26.57 -10.59 6.52
N ALA A 681 25.54 -10.14 5.82
CA ALA A 681 24.20 -9.87 6.45
C ALA A 681 23.67 -11.15 7.09
N LEU A 682 23.67 -12.25 6.35
CA LEU A 682 23.10 -13.53 6.87
C LEU A 682 24.01 -14.08 8.00
N ALA A 683 25.33 -13.85 7.96
CA ALA A 683 26.22 -14.29 9.06
C ALA A 683 25.83 -13.56 10.35
N ALA A 684 25.53 -12.26 10.26
CA ALA A 684 25.17 -11.41 11.41
C ALA A 684 23.88 -11.96 11.99
N VAL A 685 22.99 -12.47 11.14
CA VAL A 685 21.72 -12.98 11.68
C VAL A 685 21.99 -14.35 12.34
N LYS A 686 22.78 -15.20 11.70
CA LYS A 686 23.16 -16.54 12.24
C LYS A 686 23.85 -16.33 13.61
N SER A 687 24.73 -15.34 13.75
CA SER A 687 25.46 -15.07 15.02
C SER A 687 24.48 -14.75 16.13
N ASN A 688 23.33 -14.12 15.84
CA ASN A 688 22.32 -13.84 16.88
C ASN A 688 21.21 -14.90 16.83
N LYS A 689 21.48 -16.05 16.21
CA LYS A 689 20.59 -17.23 16.20
C LYS A 689 19.22 -16.85 15.58
N GLY A 690 19.20 -15.98 14.55
CA GLY A 690 17.96 -15.39 14.00
C GLY A 690 17.50 -16.06 12.72
N MET A 691 18.18 -17.09 12.22
CA MET A 691 17.79 -17.71 10.93
C MET A 691 16.52 -18.49 11.18
N PRO A 692 15.70 -18.75 10.15
CA PRO A 692 14.52 -19.58 10.29
C PRO A 692 14.83 -21.02 10.75
N MET A 693 13.88 -21.61 11.47
CA MET A 693 13.99 -22.98 12.02
C MET A 693 13.71 -24.02 10.93
N ILE A 694 13.07 -23.62 9.83
CA ILE A 694 12.84 -24.44 8.61
C ILE A 694 13.70 -23.80 7.51
N SER A 695 14.47 -24.60 6.78
CA SER A 695 15.28 -24.13 5.63
C SER A 695 14.54 -24.44 4.34
N ILE A 696 14.55 -23.49 3.43
CA ILE A 696 13.89 -23.67 2.10
C ILE A 696 14.90 -23.36 0.99
N ALA A 697 14.91 -24.24 -0.01
CA ALA A 697 15.58 -24.04 -1.31
C ALA A 697 14.49 -24.02 -2.39
N GLU A 698 14.68 -23.19 -3.39
CA GLU A 698 13.77 -23.05 -4.54
C GLU A 698 14.53 -23.37 -5.83
N THR A 699 13.94 -24.20 -6.70
CA THR A 699 14.43 -24.34 -8.10
C THR A 699 13.31 -23.90 -9.06
N ASN A 700 13.68 -23.26 -10.16
CA ASN A 700 12.74 -22.85 -11.22
C ASN A 700 13.57 -22.76 -12.51
N ASP A 701 12.92 -22.52 -13.64
CA ASP A 701 13.61 -22.44 -14.96
C ASP A 701 14.26 -21.06 -15.15
N ARG A 702 14.31 -20.22 -14.11
CA ARG A 702 14.93 -18.86 -14.21
C ARG A 702 16.28 -18.83 -13.47
N ASN A 703 16.94 -17.67 -13.48
CA ASN A 703 18.26 -17.52 -12.82
C ASN A 703 18.01 -17.08 -11.37
N MET A 704 16.75 -16.89 -10.90
CA MET A 704 16.46 -16.15 -9.64
C MET A 704 15.27 -16.73 -8.85
N PRO A 705 15.30 -16.60 -7.52
CA PRO A 705 14.16 -16.99 -6.69
C PRO A 705 12.95 -16.07 -6.92
N GLY A 706 11.74 -16.61 -6.75
CA GLY A 706 10.47 -15.85 -6.70
C GLY A 706 9.62 -16.16 -5.48
N CYS A 707 9.95 -17.20 -4.71
CA CYS A 707 9.13 -17.62 -3.55
C CYS A 707 9.60 -16.85 -2.32
N GLU A 708 8.80 -15.87 -1.90
CA GLU A 708 9.04 -15.19 -0.62
C GLU A 708 8.45 -16.06 0.48
N TRP A 709 9.26 -16.44 1.45
CA TRP A 709 8.84 -17.37 2.52
C TRP A 709 9.15 -16.80 3.91
N ARG A 710 8.35 -17.24 4.90
CA ARG A 710 8.47 -16.81 6.30
C ARG A 710 8.15 -18.01 7.18
N VAL A 711 8.70 -18.03 8.38
CA VAL A 711 8.45 -19.12 9.36
C VAL A 711 8.19 -18.50 10.73
N ILE A 712 7.10 -18.92 11.37
CA ILE A 712 6.82 -18.58 12.79
C ILE A 712 6.67 -19.88 13.58
N ALA A 713 6.91 -19.81 14.89
CA ALA A 713 6.74 -20.91 15.86
C ALA A 713 5.27 -20.98 16.22
N LYS A 714 4.67 -22.16 16.11
CA LYS A 714 3.31 -22.45 16.62
C LYS A 714 3.47 -22.95 18.05
N ASP A 715 4.49 -23.80 18.29
CA ASP A 715 4.87 -24.31 19.63
C ASP A 715 6.27 -24.91 19.62
N LYS A 716 6.57 -25.75 20.60
CA LYS A 716 7.89 -26.39 20.85
C LYS A 716 8.47 -26.93 19.53
N ASN A 717 7.73 -27.77 18.81
CA ASN A 717 8.35 -28.46 17.65
C ASN A 717 7.47 -28.30 16.41
N LYS A 718 6.69 -27.21 16.32
CA LYS A 718 5.77 -26.97 15.20
C LYS A 718 5.90 -25.54 14.73
N TYR A 719 5.92 -25.37 13.40
CA TYR A 719 6.23 -24.10 12.71
C TYR A 719 5.14 -23.86 11.67
N ILE A 720 4.81 -22.60 11.45
CA ILE A 720 3.86 -22.18 10.38
C ILE A 720 4.71 -21.56 9.28
N VAL A 721 4.65 -22.13 8.10
CA VAL A 721 5.49 -21.66 6.95
C VAL A 721 4.57 -20.96 5.96
N ASN A 722 4.90 -19.73 5.57
CA ASN A 722 4.13 -18.95 4.60
C ASN A 722 4.98 -18.85 3.34
N ILE A 723 4.45 -19.22 2.17
CA ILE A 723 5.20 -19.12 0.89
C ILE A 723 4.27 -18.49 -0.13
N VAL A 724 4.74 -17.44 -0.81
CA VAL A 724 4.03 -16.90 -2.00
C VAL A 724 5.01 -16.92 -3.17
N ASN A 725 4.61 -17.52 -4.28
CA ASN A 725 5.43 -17.49 -5.52
C ASN A 725 5.12 -16.18 -6.26
N ILE A 726 6.06 -15.22 -6.15
CA ILE A 726 6.00 -13.90 -6.83
C ILE A 726 6.64 -14.08 -8.20
N GLY A 727 7.30 -15.22 -8.43
CA GLY A 727 7.97 -15.53 -9.71
C GLY A 727 6.99 -15.78 -10.86
N LYS A 728 7.47 -15.64 -12.09
CA LYS A 728 6.58 -15.72 -13.27
C LYS A 728 6.48 -17.15 -13.79
N SER A 729 7.16 -18.12 -13.18
CA SER A 729 7.01 -19.54 -13.62
C SER A 729 6.97 -20.43 -12.39
N ASP A 730 6.61 -21.70 -12.58
CA ASP A 730 6.54 -22.72 -11.50
C ASP A 730 7.89 -22.77 -10.77
N ALA A 731 7.79 -22.87 -9.45
CA ALA A 731 8.93 -23.07 -8.57
C ALA A 731 8.69 -24.35 -7.78
N THR A 732 9.74 -25.12 -7.56
CA THR A 732 9.75 -26.25 -6.61
C THR A 732 10.44 -25.81 -5.33
N VAL A 733 9.75 -25.82 -4.20
CA VAL A 733 10.37 -25.52 -2.88
C VAL A 733 10.74 -26.85 -2.24
N SER A 734 11.89 -26.87 -1.59
CA SER A 734 12.34 -28.03 -0.81
C SER A 734 12.63 -27.58 0.63
N MET A 735 12.01 -28.22 1.61
CA MET A 735 12.09 -27.78 3.03
C MET A 735 12.83 -28.82 3.89
N SER A 736 13.62 -28.37 4.85
CA SER A 736 14.27 -29.23 5.86
C SER A 736 14.28 -28.48 7.19
N ALA A 737 14.42 -29.20 8.29
CA ALA A 737 14.62 -28.62 9.63
C ALA A 737 16.02 -28.03 9.71
N ALA A 738 16.21 -26.89 10.34
CA ALA A 738 17.55 -26.30 10.56
C ALA A 738 18.27 -27.20 11.57
N LYS A 739 17.53 -27.67 12.57
CA LYS A 739 17.99 -28.64 13.59
C LYS A 739 16.94 -29.77 13.66
N GLY A 740 17.38 -31.02 13.58
CA GLY A 740 16.49 -32.19 13.72
C GLY A 740 15.92 -32.57 12.38
N ASN A 741 14.68 -33.07 12.35
CA ASN A 741 14.13 -33.73 11.15
C ASN A 741 12.65 -33.40 11.07
N ILE A 742 12.16 -33.06 9.88
CA ILE A 742 10.71 -32.83 9.67
C ILE A 742 9.98 -34.18 9.81
N LYS A 743 9.00 -34.26 10.72
CA LYS A 743 8.10 -35.43 10.95
C LYS A 743 6.93 -35.37 9.94
N SER A 744 6.31 -34.20 9.76
CA SER A 744 5.07 -34.06 8.96
C SER A 744 4.88 -32.61 8.48
N VAL A 745 4.13 -32.50 7.40
CA VAL A 745 3.75 -31.22 6.74
C VAL A 745 2.26 -31.34 6.43
N SER A 746 1.45 -30.41 6.90
CA SER A 746 0.03 -30.28 6.50
C SER A 746 -0.27 -28.83 6.08
N GLU A 747 -1.37 -28.69 5.37
CA GLU A 747 -1.98 -27.41 4.95
C GLU A 747 -2.81 -26.86 6.12
N VAL A 748 -2.49 -25.66 6.59
CA VAL A 748 -3.23 -25.04 7.72
C VAL A 748 -4.71 -24.88 7.34
N LEU A 749 -5.00 -24.43 6.14
CA LEU A 749 -6.39 -24.03 5.78
C LEU A 749 -7.26 -25.27 5.50
N THR A 750 -6.68 -26.40 5.11
CA THR A 750 -7.47 -27.54 4.59
C THR A 750 -7.35 -28.73 5.54
N GLY A 751 -6.30 -28.77 6.37
CA GLY A 751 -5.91 -29.96 7.13
C GLY A 751 -5.31 -31.06 6.26
N LEU A 752 -5.21 -30.92 4.94
CA LEU A 752 -4.64 -32.00 4.10
C LEU A 752 -3.14 -32.17 4.35
N LYS A 753 -2.69 -33.40 4.27
CA LYS A 753 -1.27 -33.78 4.29
C LYS A 753 -0.57 -33.11 3.09
N SER A 754 0.63 -32.59 3.31
CA SER A 754 1.48 -32.02 2.23
C SER A 754 2.80 -32.77 2.24
N ALA A 755 3.82 -32.23 1.60
CA ALA A 755 5.14 -32.89 1.45
C ALA A 755 6.24 -31.87 1.77
N THR A 756 7.47 -32.34 1.91
CA THR A 756 8.64 -31.45 2.12
C THR A 756 9.08 -30.84 0.78
N LYS A 757 8.53 -31.32 -0.34
CA LYS A 757 8.80 -30.74 -1.69
C LYS A 757 7.48 -30.42 -2.39
N ILE A 758 7.32 -29.17 -2.81
CA ILE A 758 6.02 -28.62 -3.29
C ILE A 758 6.30 -27.78 -4.53
N VAL A 759 5.43 -27.87 -5.51
CA VAL A 759 5.42 -27.00 -6.71
C VAL A 759 4.45 -25.87 -6.44
N LEU A 760 4.92 -24.62 -6.55
CA LEU A 760 4.01 -23.45 -6.54
C LEU A 760 3.95 -22.89 -7.96
N LYS A 761 2.75 -22.77 -8.49
CA LYS A 761 2.48 -22.00 -9.72
C LYS A 761 2.64 -20.53 -9.38
N PRO A 762 2.91 -19.67 -10.37
CA PRO A 762 2.95 -18.22 -10.12
C PRO A 762 1.67 -17.81 -9.35
N ASN A 763 1.87 -16.95 -8.33
CA ASN A 763 0.79 -16.38 -7.48
C ASN A 763 0.29 -17.39 -6.44
N ASP A 764 0.80 -18.62 -6.40
CA ASP A 764 0.33 -19.65 -5.42
C ASP A 764 0.75 -19.23 -4.01
N VAL A 765 -0.09 -19.56 -3.05
CA VAL A 765 0.12 -19.30 -1.61
C VAL A 765 0.15 -20.67 -0.94
N GLN A 766 1.19 -20.93 -0.18
CA GLN A 766 1.20 -22.11 0.71
C GLN A 766 1.22 -21.64 2.17
N LEU A 767 0.37 -22.24 3.00
CA LEU A 767 0.44 -21.99 4.46
C LEU A 767 0.42 -23.37 5.12
N LEU A 768 1.55 -23.74 5.69
CA LEU A 768 1.87 -25.10 6.10
C LEU A 768 2.22 -25.11 7.59
N GLU A 769 1.75 -26.16 8.24
CA GLU A 769 2.17 -26.55 9.59
C GLU A 769 3.23 -27.65 9.43
N VAL A 770 4.44 -27.38 9.92
CA VAL A 770 5.63 -28.26 9.84
C VAL A 770 5.98 -28.68 11.28
N SER A 771 5.94 -29.99 11.55
CA SER A 771 6.26 -30.62 12.87
C SER A 771 7.66 -31.26 12.79
N LEU A 772 8.48 -31.10 13.81
CA LEU A 772 9.85 -31.71 13.84
C LEU A 772 9.81 -32.85 14.84
N GLU A 773 10.71 -33.84 14.72
CA GLU A 773 10.65 -35.10 15.51
C GLU A 773 11.33 -34.87 16.86
C1 EDO B . -11.81 13.06 -5.59
O1 EDO B . -12.54 13.96 -4.76
C2 EDO B . -10.36 13.43 -5.52
O2 EDO B . -10.06 14.75 -5.99
C1 EDO C . 13.79 16.97 3.43
O1 EDO C . 13.38 16.69 4.74
C2 EDO C . 15.18 16.44 3.22
O2 EDO C . 16.19 17.19 3.88
C1 EDO D . 13.21 0.66 -8.81
O1 EDO D . 12.11 0.54 -7.92
C2 EDO D . 13.17 1.91 -9.56
O2 EDO D . 11.88 2.19 -10.06
C1 EDO E . 10.99 -19.01 14.68
O1 EDO E . 10.43 -17.81 14.17
C2 EDO E . 11.01 -20.00 13.58
O2 EDO E . 11.81 -19.67 12.45
C1 EDO F . 13.47 -16.28 12.59
O1 EDO F . 12.56 -16.18 13.70
C2 EDO F . 12.77 -16.24 11.29
O2 EDO F . 12.00 -17.41 10.99
#